data_4AFG
#
_entry.id   4AFG
#
_cell.length_a   79.236
_cell.length_b   112.549
_cell.length_c   134.654
_cell.angle_alpha   90.00
_cell.angle_beta   90.00
_cell.angle_gamma   90.00
#
_symmetry.space_group_name_H-M   'P 21 21 21'
#
loop_
_entity.id
_entity.type
_entity.pdbx_description
1 polymer 'CAPITELLA TELETA ACHBP'
2 branched 2-acetamido-2-deoxy-beta-D-glucopyranose-(1-4)-2-acetamido-2-deoxy-beta-D-glucopyranose
3 branched alpha-D-mannopyranose-(1-3)-beta-D-mannopyranose-(1-4)-2-acetamido-2-deoxy-beta-D-glucopyranose-(1-4)-2-acetamido-2-deoxy-beta-D-glucopyranose
4 branched beta-D-mannopyranose-(1-4)-2-acetamido-2-deoxy-beta-D-glucopyranose-(1-4)-2-acetamido-2-deoxy-beta-D-glucopyranose
5 branched beta-D-mannopyranose-(1-3)-beta-D-mannopyranose-(1-4)-2-acetamido-2-deoxy-beta-D-glucopyranose-(1-4)-2-acetamido-2-deoxy-beta-D-glucopyranose
6 non-polymer VARENICLINE
7 water water
#
_entity_poly.entity_id   1
_entity_poly.type   'polypeptide(L)'
_entity_poly.pdbx_seq_one_letter_code
;SNGLMAKRLRRELLNTYEQLGKSGLPFLDDIGKVDVKFGLSLQLLKSIEQRGMGFNSIGTFKAIVKLSWVDTILRWDPEP
PFDFQKIEISPDEIWTPDIKLFNSVDLDMTLDRTTQAIVFSNGTVLWIPPAVLKVLCVSQDDVDSCHFQFGSWVYSVDEV
DIHFMDDKAEVLLDFYQDSLEILENSAQRQEVVYPCCESAYVEMKYLLALRSENGNSTYSRDLAHHHHHH
;
_entity_poly.pdbx_strand_id   A,B,C,D,E
#
# COMPACT_ATOMS: atom_id res chain seq x y z
N ASN A 2 -36.21 -3.01 10.75
CA ASN A 2 -35.82 -1.61 10.87
C ASN A 2 -34.31 -1.42 10.73
N GLY A 3 -33.92 -0.58 9.79
CA GLY A 3 -32.53 -0.46 9.40
C GLY A 3 -31.68 0.13 10.50
N LEU A 4 -32.23 1.13 11.17
CA LEU A 4 -31.59 1.72 12.34
C LEU A 4 -31.24 0.64 13.38
N MET A 5 -32.20 -0.20 13.72
CA MET A 5 -32.01 -1.24 14.73
C MET A 5 -30.91 -2.22 14.37
N ALA A 6 -30.80 -2.54 13.08
CA ALA A 6 -29.78 -3.44 12.61
C ALA A 6 -28.39 -2.85 12.79
N LYS A 7 -28.24 -1.57 12.50
CA LYS A 7 -26.96 -0.90 12.68
C LYS A 7 -26.63 -0.77 14.19
N ARG A 8 -27.67 -0.51 15.00
CA ARG A 8 -27.47 -0.44 16.45
C ARG A 8 -27.04 -1.80 16.98
N LEU A 9 -27.66 -2.86 16.45
CA LEU A 9 -27.29 -4.22 16.85
C LEU A 9 -25.82 -4.49 16.56
N ARG A 10 -25.39 -4.21 15.33
CA ARG A 10 -23.98 -4.37 14.94
C ARG A 10 -23.06 -3.59 15.89
N ARG A 11 -23.42 -2.35 16.22
CA ARG A 11 -22.59 -1.55 17.15
C ARG A 11 -22.50 -2.17 18.55
N GLU A 12 -23.62 -2.67 19.06
CA GLU A 12 -23.63 -3.36 20.36
C GLU A 12 -22.72 -4.60 20.33
N LEU A 13 -22.84 -5.41 19.27
CA LEU A 13 -22.04 -6.62 19.16
C LEU A 13 -20.55 -6.34 19.08
N LEU A 14 -20.17 -5.31 18.33
CA LEU A 14 -18.77 -4.99 18.14
C LEU A 14 -18.15 -4.15 19.28
N ASN A 15 -19.00 -3.59 20.13
CA ASN A 15 -18.52 -2.86 21.30
C ASN A 15 -17.54 -3.69 22.12
N THR A 16 -17.79 -5.00 22.25
CA THR A 16 -16.91 -5.91 22.98
C THR A 16 -15.51 -5.96 22.36
N TYR A 17 -15.46 -6.13 21.05
CA TYR A 17 -14.20 -6.15 20.33
C TYR A 17 -13.53 -4.78 20.35
N GLU A 18 -14.33 -3.73 20.39
CA GLU A 18 -13.76 -2.40 20.40
C GLU A 18 -13.13 -2.13 21.76
N GLN A 19 -13.82 -2.54 22.82
CA GLN A 19 -13.34 -2.32 24.19
C GLN A 19 -12.20 -3.26 24.61
N LEU A 20 -12.31 -4.53 24.24
CA LEU A 20 -11.36 -5.53 24.70
C LEU A 20 -10.33 -5.89 23.65
N GLY A 21 -10.58 -5.48 22.40
CA GLY A 21 -9.67 -5.82 21.31
C GLY A 21 -10.04 -7.15 20.65
N LYS A 22 -9.53 -7.37 19.45
CA LYS A 22 -9.85 -8.58 18.67
C LYS A 22 -8.92 -9.76 18.93
N SER A 23 -7.90 -9.57 19.74
CA SER A 23 -6.94 -10.65 19.99
C SER A 23 -7.56 -11.70 20.93
N GLY A 24 -7.11 -12.94 20.78
CA GLY A 24 -7.54 -13.97 21.71
C GLY A 24 -8.71 -14.76 21.18
N LEU A 25 -8.80 -16.01 21.59
CA LEU A 25 -9.89 -16.88 21.17
C LEU A 25 -11.26 -16.25 21.51
N PRO A 26 -12.25 -16.46 20.64
CA PRO A 26 -13.54 -15.78 20.77
C PRO A 26 -14.44 -16.36 21.85
N PHE A 27 -14.00 -16.22 23.10
CA PHE A 27 -14.71 -16.71 24.27
C PHE A 27 -14.66 -15.71 25.39
N LEU A 28 -15.78 -15.53 26.10
CA LEU A 28 -15.74 -14.71 27.31
C LEU A 28 -15.84 -15.55 28.58
N ASP A 29 -16.32 -16.77 28.42
CA ASP A 29 -16.44 -17.68 29.53
C ASP A 29 -15.33 -18.72 29.45
N ASP A 30 -15.62 -20.00 29.66
CA ASP A 30 -14.58 -21.02 29.58
C ASP A 30 -13.94 -20.94 28.19
N ILE A 31 -12.61 -20.97 28.14
CA ILE A 31 -11.94 -20.96 26.85
C ILE A 31 -12.15 -22.33 26.25
N GLY A 32 -12.77 -22.36 25.09
CA GLY A 32 -12.93 -23.59 24.37
C GLY A 32 -12.03 -23.66 23.16
N LYS A 33 -12.45 -24.49 22.22
CA LYS A 33 -11.71 -24.81 21.05
C LYS A 33 -12.52 -24.27 19.90
N VAL A 34 -11.89 -23.55 18.99
CA VAL A 34 -12.61 -23.07 17.84
C VAL A 34 -12.42 -24.11 16.73
N ASP A 35 -13.51 -24.57 16.14
CA ASP A 35 -13.38 -25.49 15.01
C ASP A 35 -13.67 -24.73 13.72
N VAL A 36 -12.64 -24.53 12.92
CA VAL A 36 -12.84 -23.83 11.69
C VAL A 36 -13.14 -24.82 10.54
N LYS A 37 -14.16 -24.53 9.76
CA LYS A 37 -14.46 -25.31 8.55
C LYS A 37 -13.75 -24.56 7.41
N PHE A 38 -12.95 -25.28 6.62
CA PHE A 38 -12.09 -24.64 5.63
C PHE A 38 -12.38 -25.26 4.29
N GLY A 39 -12.60 -24.41 3.28
CA GLY A 39 -12.73 -24.91 1.90
C GLY A 39 -11.83 -24.10 0.97
N LEU A 40 -11.27 -24.76 -0.06
CA LEU A 40 -10.42 -24.07 -1.00
C LEU A 40 -11.04 -24.24 -2.40
N SER A 41 -11.50 -23.16 -3.00
CA SER A 41 -12.16 -23.30 -4.31
C SER A 41 -11.28 -22.67 -5.40
N LEU A 42 -10.70 -23.51 -6.24
CA LEU A 42 -9.82 -23.05 -7.30
C LEU A 42 -10.66 -22.32 -8.34
N GLN A 43 -10.26 -21.12 -8.69
CA GLN A 43 -10.90 -20.43 -9.82
C GLN A 43 -10.10 -20.56 -11.10
N LEU A 44 -8.82 -20.25 -11.03
CA LEU A 44 -8.00 -20.23 -12.25
C LEU A 44 -6.52 -20.19 -11.92
N LEU A 45 -5.73 -20.61 -12.91
CA LEU A 45 -4.28 -20.50 -12.84
C LEU A 45 -3.88 -19.14 -13.42
N LYS A 46 -3.14 -18.34 -12.65
CA LYS A 46 -2.64 -17.09 -13.25
C LYS A 46 -1.39 -17.40 -14.09
N SER A 47 -0.46 -18.14 -13.50
CA SER A 47 0.82 -18.43 -14.18
C SER A 47 1.55 -19.54 -13.48
N ILE A 48 2.35 -20.26 -14.25
CA ILE A 48 3.31 -21.18 -13.71
C ILE A 48 4.64 -20.85 -14.40
N GLU A 49 5.61 -20.42 -13.61
CA GLU A 49 6.84 -19.91 -14.19
C GLU A 49 8.03 -20.71 -13.69
N GLN A 50 8.74 -21.33 -14.63
CA GLN A 50 9.88 -22.14 -14.30
C GLN A 50 10.86 -21.31 -13.46
N ARG A 51 11.42 -21.94 -12.44
CA ARG A 51 12.47 -21.30 -11.67
C ARG A 51 13.80 -21.71 -12.27
N GLY A 52 14.52 -20.72 -12.81
CA GLY A 52 15.81 -20.91 -13.42
C GLY A 52 15.65 -21.94 -14.52
N MET A 53 16.51 -22.94 -14.49
CA MET A 53 16.47 -23.96 -15.52
C MET A 53 16.22 -25.32 -14.92
N GLY A 54 15.72 -25.35 -13.69
CA GLY A 54 15.43 -26.63 -13.08
C GLY A 54 14.01 -27.17 -13.28
N PHE A 55 13.67 -28.16 -12.47
CA PHE A 55 12.37 -28.81 -12.51
C PHE A 55 11.32 -28.14 -11.63
N ASN A 56 11.69 -27.07 -10.93
CA ASN A 56 10.70 -26.38 -10.10
C ASN A 56 10.14 -25.13 -10.77
N SER A 57 9.00 -24.66 -10.26
CA SER A 57 8.40 -23.48 -10.83
C SER A 57 7.58 -22.78 -9.75
N ILE A 58 7.23 -21.52 -10.00
CA ILE A 58 6.39 -20.76 -9.10
C ILE A 58 4.97 -20.75 -9.69
N GLY A 59 4.02 -21.33 -8.97
CA GLY A 59 2.64 -21.38 -9.44
C GLY A 59 1.80 -20.30 -8.76
N THR A 60 1.15 -19.45 -9.55
CA THR A 60 0.32 -18.40 -8.97
C THR A 60 -1.15 -18.68 -9.31
N PHE A 61 -1.98 -18.78 -8.26
CA PHE A 61 -3.38 -19.22 -8.43
C PHE A 61 -4.38 -18.20 -7.91
N LYS A 62 -5.56 -18.13 -8.53
CA LYS A 62 -6.67 -17.37 -7.99
C LYS A 62 -7.67 -18.38 -7.43
N ALA A 63 -8.11 -18.15 -6.19
CA ALA A 63 -9.03 -19.06 -5.54
C ALA A 63 -9.99 -18.27 -4.67
N ILE A 64 -11.01 -18.98 -4.21
CA ILE A 64 -11.89 -18.44 -3.23
C ILE A 64 -11.63 -19.29 -1.99
N VAL A 65 -11.31 -18.67 -0.87
CA VAL A 65 -11.15 -19.43 0.37
C VAL A 65 -12.46 -19.33 1.20
N LYS A 66 -12.92 -20.43 1.76
CA LYS A 66 -14.19 -20.46 2.48
C LYS A 66 -13.93 -20.81 3.94
N LEU A 67 -14.37 -19.95 4.84
CA LEU A 67 -14.11 -20.13 6.26
C LEU A 67 -15.38 -20.02 7.05
N SER A 68 -15.56 -20.92 8.00
CA SER A 68 -16.67 -20.79 8.92
C SER A 68 -16.27 -21.21 10.31
N TRP A 69 -16.79 -20.50 11.32
CA TRP A 69 -16.47 -20.83 12.71
C TRP A 69 -17.52 -20.21 13.61
N VAL A 70 -17.48 -20.57 14.88
CA VAL A 70 -18.41 -19.97 15.82
C VAL A 70 -17.75 -18.92 16.70
N ASP A 71 -18.37 -17.75 16.77
CA ASP A 71 -17.92 -16.69 17.66
C ASP A 71 -19.03 -16.43 18.70
N THR A 72 -18.84 -16.95 19.92
CA THR A 72 -19.88 -16.82 20.95
C THR A 72 -20.07 -15.38 21.42
N ILE A 73 -19.08 -14.53 21.15
CA ILE A 73 -19.17 -13.14 21.56
C ILE A 73 -20.16 -12.40 20.68
N LEU A 74 -20.33 -12.90 19.46
CA LEU A 74 -21.18 -12.24 18.46
C LEU A 74 -22.64 -12.74 18.43
N ARG A 75 -23.04 -13.58 19.38
CA ARG A 75 -24.43 -14.06 19.45
C ARG A 75 -25.45 -13.03 19.91
N TRP A 76 -26.67 -13.15 19.42
CA TRP A 76 -27.76 -12.39 20.00
C TRP A 76 -29.03 -13.18 19.90
N ASP A 77 -29.99 -12.79 20.72
CA ASP A 77 -31.33 -13.35 20.65
C ASP A 77 -32.15 -12.46 19.74
N PRO A 78 -32.68 -13.03 18.64
CA PRO A 78 -33.34 -12.18 17.66
C PRO A 78 -34.81 -11.92 17.99
N GLU A 79 -35.08 -11.53 19.22
CA GLU A 79 -36.38 -11.01 19.61
C GLU A 79 -36.37 -9.51 19.30
N PRO A 80 -37.52 -8.97 18.84
CA PRO A 80 -37.59 -7.54 18.53
C PRO A 80 -37.11 -6.67 19.70
N PRO A 81 -36.53 -5.50 19.42
CA PRO A 81 -36.39 -4.89 18.09
C PRO A 81 -35.18 -5.40 17.33
N PHE A 82 -34.52 -6.44 17.84
CA PHE A 82 -33.37 -6.98 17.13
C PHE A 82 -33.72 -8.29 16.46
N ASP A 83 -34.88 -8.35 15.81
CA ASP A 83 -35.27 -9.57 15.12
C ASP A 83 -34.59 -9.66 13.74
N PHE A 84 -33.29 -9.94 13.76
CA PHE A 84 -32.50 -10.10 12.54
C PHE A 84 -31.83 -11.44 12.66
N GLN A 85 -31.84 -12.21 11.59
CA GLN A 85 -31.22 -13.54 11.55
C GLN A 85 -29.72 -13.44 11.35
N LYS A 86 -29.29 -12.41 10.64
CA LYS A 86 -27.89 -12.26 10.26
C LYS A 86 -27.56 -10.79 10.11
N ILE A 87 -26.28 -10.49 10.16
CA ILE A 87 -25.77 -9.14 9.91
C ILE A 87 -24.41 -9.28 9.22
N GLU A 88 -24.11 -8.33 8.35
CA GLU A 88 -22.81 -8.34 7.68
C GLU A 88 -21.82 -7.51 8.49
N ILE A 89 -20.57 -7.97 8.51
CA ILE A 89 -19.55 -7.41 9.38
C ILE A 89 -18.20 -7.46 8.66
N SER A 90 -17.38 -6.43 8.84
CA SER A 90 -16.06 -6.48 8.23
C SER A 90 -15.18 -7.41 9.04
N PRO A 91 -14.35 -8.19 8.36
CA PRO A 91 -13.54 -9.17 9.07
C PRO A 91 -12.41 -8.52 9.86
N ASP A 92 -12.15 -7.23 9.63
CA ASP A 92 -11.14 -6.52 10.39
C ASP A 92 -11.71 -5.93 11.70
N GLU A 93 -12.99 -6.14 11.94
CA GLU A 93 -13.63 -5.65 13.17
C GLU A 93 -13.94 -6.76 14.16
N ILE A 94 -13.61 -7.98 13.78
CA ILE A 94 -13.84 -9.15 14.64
C ILE A 94 -12.64 -10.04 14.67
N TRP A 95 -12.61 -10.99 15.60
CA TRP A 95 -11.62 -12.06 15.58
C TRP A 95 -11.78 -12.86 14.28
N THR A 96 -10.67 -13.23 13.68
CA THR A 96 -10.70 -14.17 12.55
C THR A 96 -9.58 -15.17 12.76
N PRO A 97 -9.73 -16.40 12.22
CA PRO A 97 -8.70 -17.42 12.41
C PRO A 97 -7.41 -16.96 11.71
N ASP A 98 -6.27 -17.20 12.32
CA ASP A 98 -5.02 -16.78 11.69
C ASP A 98 -4.49 -17.94 10.79
N ILE A 99 -5.36 -18.45 9.92
CA ILE A 99 -4.96 -19.54 9.03
C ILE A 99 -4.18 -18.96 7.85
N LYS A 100 -2.98 -19.46 7.67
CA LYS A 100 -2.03 -18.90 6.69
C LYS A 100 -1.61 -20.01 5.73
N LEU A 101 -1.17 -19.62 4.53
CA LEU A 101 -0.58 -20.56 3.57
C LEU A 101 0.88 -20.69 3.97
N PHE A 102 1.14 -21.76 4.72
CA PHE A 102 2.43 -22.02 5.37
C PHE A 102 3.55 -22.05 4.35
N ASN A 103 3.27 -22.71 3.21
CA ASN A 103 4.35 -22.86 2.21
C ASN A 103 4.27 -21.79 1.12
N SER A 104 3.61 -20.67 1.43
CA SER A 104 3.66 -19.52 0.53
C SER A 104 5.09 -19.14 0.11
N VAL A 105 5.27 -18.79 -1.15
CA VAL A 105 6.60 -18.32 -1.61
C VAL A 105 6.77 -16.86 -1.20
N ASP A 106 5.64 -16.20 -0.96
CA ASP A 106 5.59 -14.84 -0.45
C ASP A 106 5.36 -14.94 1.05
N LEU A 107 5.11 -13.80 1.70
CA LEU A 107 4.83 -13.82 3.14
C LEU A 107 3.68 -14.73 3.46
N ASP A 108 2.66 -14.69 2.61
CA ASP A 108 1.44 -15.48 2.81
C ASP A 108 0.62 -15.33 1.53
N MET A 109 -0.40 -16.16 1.35
CA MET A 109 -1.45 -15.83 0.39
C MET A 109 -2.03 -14.47 0.74
N THR A 110 -2.61 -13.77 -0.22
CA THR A 110 -3.35 -12.57 0.12
C THR A 110 -4.84 -12.89 0.09
N LEU A 111 -5.58 -12.42 1.08
CA LEU A 111 -7.05 -12.59 1.11
C LEU A 111 -7.62 -11.19 0.92
N ASP A 112 -8.79 -11.11 0.27
CA ASP A 112 -9.40 -9.81 0.10
C ASP A 112 -10.20 -9.51 1.38
N ARG A 113 -9.59 -8.75 2.29
CA ARG A 113 -10.21 -8.44 3.57
C ARG A 113 -11.16 -7.26 3.48
N THR A 114 -11.32 -6.67 2.29
CA THR A 114 -12.49 -5.80 2.13
C THR A 114 -13.82 -6.55 1.98
N THR A 115 -13.80 -7.86 1.68
CA THR A 115 -15.07 -8.59 1.56
C THR A 115 -15.66 -8.84 2.94
N GLN A 116 -16.97 -8.63 3.07
CA GLN A 116 -17.63 -8.77 4.37
C GLN A 116 -17.86 -10.21 4.77
N ALA A 117 -17.93 -10.42 6.07
CA ALA A 117 -18.37 -11.69 6.59
C ALA A 117 -19.84 -11.59 6.97
N ILE A 118 -20.50 -12.74 7.06
CA ILE A 118 -21.85 -12.76 7.55
C ILE A 118 -21.80 -13.48 8.89
N VAL A 119 -22.45 -12.89 9.88
CA VAL A 119 -22.59 -13.50 11.20
C VAL A 119 -24.08 -13.72 11.43
N PHE A 120 -24.43 -14.96 11.79
CA PHE A 120 -25.81 -15.35 12.11
C PHE A 120 -26.06 -15.18 13.61
N SER A 121 -27.34 -15.12 14.02
CA SER A 121 -27.67 -14.82 15.42
C SER A 121 -27.08 -15.84 16.40
N ASN A 122 -26.93 -17.08 15.94
CA ASN A 122 -26.31 -18.12 16.77
C ASN A 122 -24.77 -18.02 16.84
N GLY A 123 -24.19 -16.93 16.32
CA GLY A 123 -22.75 -16.73 16.38
C GLY A 123 -21.91 -17.43 15.32
N THR A 124 -22.54 -18.22 14.43
CA THR A 124 -21.79 -18.79 13.28
C THR A 124 -21.42 -17.68 12.31
N VAL A 125 -20.14 -17.61 11.95
CA VAL A 125 -19.59 -16.62 11.03
C VAL A 125 -19.25 -17.34 9.74
N LEU A 126 -19.59 -16.72 8.63
CA LEU A 126 -19.25 -17.27 7.30
C LEU A 126 -18.50 -16.18 6.54
N TRP A 127 -17.25 -16.47 6.17
CA TRP A 127 -16.43 -15.48 5.49
C TRP A 127 -15.80 -16.18 4.31
N ILE A 128 -16.01 -15.62 3.11
CA ILE A 128 -15.61 -16.28 1.86
C ILE A 128 -14.75 -15.32 0.97
N PRO A 129 -13.49 -15.10 1.38
CA PRO A 129 -12.67 -14.11 0.69
C PRO A 129 -12.00 -14.70 -0.55
N PRO A 130 -12.01 -13.94 -1.66
CA PRO A 130 -11.11 -14.25 -2.78
C PRO A 130 -9.65 -14.25 -2.27
N ALA A 131 -8.78 -14.97 -2.97
CA ALA A 131 -7.42 -15.15 -2.47
C ALA A 131 -6.51 -15.36 -3.65
N VAL A 132 -5.26 -14.94 -3.48
CA VAL A 132 -4.21 -15.24 -4.47
C VAL A 132 -3.15 -16.07 -3.75
N LEU A 133 -2.81 -17.22 -4.31
CA LEU A 133 -1.92 -18.19 -3.62
C LEU A 133 -0.71 -18.40 -4.54
N LYS A 134 0.50 -18.43 -3.97
CA LYS A 134 1.72 -18.58 -4.77
C LYS A 134 2.57 -19.60 -4.06
N VAL A 135 2.83 -20.73 -4.71
CA VAL A 135 3.57 -21.81 -4.09
C VAL A 135 4.61 -22.34 -5.10
N LEU A 136 5.52 -23.17 -4.60
CA LEU A 136 6.57 -23.78 -5.38
C LEU A 136 6.00 -25.09 -5.90
N CYS A 137 6.05 -25.26 -7.21
CA CYS A 137 5.52 -26.49 -7.83
C CYS A 137 6.65 -27.29 -8.44
N VAL A 138 6.37 -28.54 -8.79
CA VAL A 138 7.32 -29.36 -9.54
C VAL A 138 6.75 -29.61 -10.94
N SER A 139 7.56 -29.34 -11.96
CA SER A 139 7.12 -29.41 -13.33
C SER A 139 7.94 -30.50 -13.98
N GLN A 140 7.32 -31.65 -14.22
CA GLN A 140 7.99 -32.78 -14.85
C GLN A 140 7.01 -33.54 -15.75
N ASP A 141 7.53 -34.03 -16.88
CA ASP A 141 6.76 -34.85 -17.80
C ASP A 141 5.45 -34.19 -18.19
N ASP A 142 5.51 -32.89 -18.46
CA ASP A 142 4.32 -32.15 -18.87
C ASP A 142 3.21 -32.08 -17.79
N VAL A 143 3.58 -32.33 -16.54
CA VAL A 143 2.68 -32.15 -15.39
C VAL A 143 3.26 -31.14 -14.39
N ASP A 144 2.41 -30.27 -13.85
CA ASP A 144 2.79 -29.32 -12.80
C ASP A 144 2.10 -29.77 -11.54
N SER A 145 2.87 -30.17 -10.51
CA SER A 145 2.31 -30.65 -9.25
C SER A 145 2.57 -29.61 -8.20
N CYS A 146 1.52 -29.14 -7.53
CA CYS A 146 1.67 -28.05 -6.59
C CYS A 146 0.99 -28.46 -5.31
N HIS A 147 1.54 -28.07 -4.17
N HIS A 147 1.57 -28.06 -4.18
CA HIS A 147 0.92 -28.42 -2.90
CA HIS A 147 0.96 -28.35 -2.88
C HIS A 147 0.73 -27.20 -2.00
C HIS A 147 0.59 -27.06 -2.20
N PHE A 148 -0.43 -27.14 -1.34
CA PHE A 148 -0.80 -25.99 -0.52
C PHE A 148 -0.95 -26.55 0.89
N GLN A 149 -0.25 -25.94 1.85
CA GLN A 149 -0.43 -26.28 3.29
C GLN A 149 -1.03 -25.09 4.03
N PHE A 150 -2.15 -25.30 4.70
CA PHE A 150 -2.81 -24.23 5.46
C PHE A 150 -2.85 -24.60 6.92
N GLY A 151 -2.62 -23.64 7.81
CA GLY A 151 -2.74 -23.90 9.24
C GLY A 151 -2.80 -22.59 10.03
N SER A 152 -3.34 -22.64 11.24
CA SER A 152 -3.24 -21.50 12.14
C SER A 152 -1.78 -21.25 12.47
N TRP A 153 -1.37 -19.99 12.44
CA TRP A 153 0.03 -19.67 12.76
C TRP A 153 0.37 -19.95 14.21
N VAL A 154 -0.45 -19.50 15.15
CA VAL A 154 -0.05 -19.63 16.56
C VAL A 154 -0.90 -20.58 17.42
N TYR A 155 -2.05 -21.01 16.93
CA TYR A 155 -2.91 -21.81 17.82
C TYR A 155 -2.77 -23.31 17.55
N SER A 156 -2.54 -24.08 18.61
CA SER A 156 -2.44 -25.53 18.48
C SER A 156 -3.82 -26.18 18.31
N VAL A 157 -3.83 -27.50 18.12
CA VAL A 157 -5.06 -28.22 17.84
C VAL A 157 -6.05 -28.11 19.02
N ASP A 158 -5.54 -27.87 20.22
CA ASP A 158 -6.41 -27.67 21.37
C ASP A 158 -7.07 -26.28 21.41
N GLU A 159 -6.62 -25.40 20.54
CA GLU A 159 -7.12 -24.03 20.52
C GLU A 159 -7.89 -23.77 19.23
N VAL A 160 -7.27 -24.06 18.11
CA VAL A 160 -7.96 -23.91 16.85
C VAL A 160 -7.87 -25.24 16.10
N ASP A 161 -9.03 -25.82 15.77
CA ASP A 161 -9.06 -27.04 15.00
C ASP A 161 -9.51 -26.63 13.59
N ILE A 162 -9.24 -27.48 12.61
CA ILE A 162 -9.70 -27.23 11.25
C ILE A 162 -10.20 -28.55 10.62
N HIS A 163 -11.32 -28.47 9.89
CA HIS A 163 -11.86 -29.63 9.16
C HIS A 163 -12.32 -29.15 7.82
N PHE A 164 -12.35 -30.07 6.84
CA PHE A 164 -12.81 -29.72 5.53
C PHE A 164 -14.29 -29.32 5.53
N MET A 165 -14.57 -28.17 4.90
CA MET A 165 -15.93 -27.69 4.84
C MET A 165 -16.73 -28.70 4.02
N ASP A 166 -17.87 -29.11 4.57
CA ASP A 166 -18.74 -30.14 4.00
C ASP A 166 -18.03 -31.49 3.86
N ASP A 167 -16.99 -31.69 4.67
CA ASP A 167 -16.17 -32.89 4.66
C ASP A 167 -15.60 -33.24 3.27
N LYS A 168 -15.40 -32.24 2.44
CA LYS A 168 -14.89 -32.50 1.12
C LYS A 168 -13.38 -32.32 1.11
N ALA A 169 -12.66 -33.45 1.10
CA ALA A 169 -11.21 -33.40 1.20
C ALA A 169 -10.58 -33.25 -0.21
N GLU A 170 -10.69 -32.08 -0.79
CA GLU A 170 -10.29 -31.88 -2.18
C GLU A 170 -10.40 -30.41 -2.49
N VAL A 171 -9.70 -30.00 -3.54
CA VAL A 171 -9.86 -28.64 -4.04
C VAL A 171 -11.26 -28.55 -4.64
N LEU A 172 -12.03 -27.54 -4.25
CA LEU A 172 -13.44 -27.43 -4.71
C LEU A 172 -13.56 -26.77 -6.08
N LEU A 173 -14.55 -27.18 -6.85
CA LEU A 173 -14.68 -26.67 -8.20
C LEU A 173 -15.95 -25.84 -8.43
N ASP A 174 -16.63 -25.45 -7.34
CA ASP A 174 -17.85 -24.65 -7.45
C ASP A 174 -17.63 -23.23 -8.03
N PHE A 175 -16.40 -22.73 -8.01
CA PHE A 175 -16.11 -21.42 -8.62
C PHE A 175 -15.14 -21.56 -9.78
N TYR A 176 -14.91 -22.78 -10.21
CA TYR A 176 -13.87 -23.04 -11.21
C TYR A 176 -14.17 -22.38 -12.56
N GLN A 177 -13.15 -21.74 -13.13
CA GLN A 177 -13.36 -21.01 -14.38
C GLN A 177 -12.14 -21.05 -15.29
N ASP A 178 -11.50 -22.21 -15.37
CA ASP A 178 -10.34 -22.36 -16.22
C ASP A 178 -10.55 -23.52 -17.15
N SER A 179 -9.61 -23.74 -18.08
CA SER A 179 -9.72 -24.84 -19.02
C SER A 179 -8.62 -25.85 -18.77
N LEU A 180 -7.96 -25.76 -17.63
CA LEU A 180 -6.82 -26.65 -17.35
C LEU A 180 -7.31 -28.07 -17.07
N GLU A 181 -6.51 -29.05 -17.47
CA GLU A 181 -6.79 -30.46 -17.19
C GLU A 181 -6.29 -30.80 -15.80
N ILE A 182 -7.19 -31.12 -14.89
CA ILE A 182 -6.81 -31.47 -13.53
C ILE A 182 -6.49 -32.96 -13.42
N LEU A 183 -5.23 -33.28 -13.11
CA LEU A 183 -4.81 -34.68 -13.14
C LEU A 183 -4.81 -35.35 -11.76
N GLU A 184 -4.65 -34.54 -10.72
CA GLU A 184 -4.78 -35.00 -9.34
C GLU A 184 -5.38 -33.90 -8.52
N ASN A 185 -6.15 -34.29 -7.51
CA ASN A 185 -6.84 -33.32 -6.68
C ASN A 185 -7.19 -34.06 -5.41
N SER A 186 -6.32 -33.96 -4.39
CA SER A 186 -6.61 -34.62 -3.11
C SER A 186 -6.11 -33.79 -1.94
N ALA A 187 -6.56 -34.12 -0.75
CA ALA A 187 -6.15 -33.37 0.44
C ALA A 187 -6.23 -34.22 1.67
N GLN A 188 -5.56 -33.76 2.69
CA GLN A 188 -5.54 -34.50 3.92
C GLN A 188 -5.46 -33.49 5.06
N ARG A 189 -6.14 -33.81 6.16
CA ARG A 189 -6.01 -33.04 7.38
C ARG A 189 -4.95 -33.74 8.23
N GLN A 190 -3.96 -32.99 8.71
CA GLN A 190 -2.96 -33.58 9.62
C GLN A 190 -2.72 -32.76 10.88
N GLU A 191 -2.37 -33.45 11.96
CA GLU A 191 -1.92 -32.79 13.17
C GLU A 191 -0.42 -32.89 13.24
N VAL A 192 0.24 -31.74 13.07
CA VAL A 192 1.68 -31.70 12.80
C VAL A 192 2.42 -31.12 13.97
N VAL A 193 3.46 -31.82 14.41
CA VAL A 193 4.37 -31.29 15.41
C VAL A 193 5.53 -30.58 14.69
N TYR A 194 5.86 -29.35 15.10
CA TYR A 194 6.98 -28.65 14.44
C TYR A 194 8.21 -28.60 15.36
N PRO A 195 9.41 -28.83 14.79
CA PRO A 195 10.63 -28.87 15.60
C PRO A 195 10.82 -27.67 16.54
N CYS A 196 10.41 -26.49 16.10
CA CYS A 196 10.51 -25.28 16.91
C CYS A 196 9.70 -25.34 18.19
N CYS A 197 8.56 -26.03 18.14
CA CYS A 197 7.54 -25.90 19.19
C CYS A 197 7.02 -27.26 19.69
N GLU A 198 6.30 -27.24 20.81
CA GLU A 198 6.00 -28.48 21.50
C GLU A 198 4.73 -29.18 21.00
N SER A 199 3.61 -28.46 20.97
CA SER A 199 2.31 -29.05 20.74
C SER A 199 2.03 -29.26 19.25
N ALA A 200 0.85 -29.79 18.94
CA ALA A 200 0.50 -30.11 17.55
C ALA A 200 -0.43 -29.08 16.93
N TYR A 201 -0.28 -28.90 15.62
CA TYR A 201 -1.03 -27.87 14.87
C TYR A 201 -1.72 -28.54 13.70
N VAL A 202 -2.98 -28.20 13.48
CA VAL A 202 -3.70 -28.77 12.35
C VAL A 202 -3.13 -28.19 11.07
N GLU A 203 -2.85 -29.08 10.14
CA GLU A 203 -2.42 -28.67 8.81
C GLU A 203 -3.36 -29.27 7.75
N MET A 204 -3.88 -28.44 6.86
CA MET A 204 -4.71 -28.93 5.77
C MET A 204 -3.81 -28.94 4.54
N LYS A 205 -3.53 -30.12 4.00
CA LYS A 205 -2.57 -30.20 2.90
C LYS A 205 -3.24 -30.65 1.61
N TYR A 206 -3.16 -29.82 0.57
CA TYR A 206 -3.80 -30.08 -0.70
C TYR A 206 -2.77 -30.41 -1.76
N LEU A 207 -3.10 -31.34 -2.64
CA LEU A 207 -2.21 -31.63 -3.78
C LEU A 207 -2.99 -31.44 -5.04
N LEU A 208 -2.49 -30.58 -5.92
CA LEU A 208 -3.16 -30.31 -7.17
C LEU A 208 -2.16 -30.56 -8.29
N ALA A 209 -2.51 -31.43 -9.25
CA ALA A 209 -1.65 -31.67 -10.40
C ALA A 209 -2.36 -31.22 -11.67
N LEU A 210 -1.68 -30.47 -12.52
CA LEU A 210 -2.28 -29.96 -13.73
C LEU A 210 -1.46 -30.36 -14.95
N ARG A 211 -2.14 -30.59 -16.06
CA ARG A 211 -1.41 -30.76 -17.30
C ARG A 211 -0.72 -29.42 -17.64
N SER A 212 0.54 -29.47 -18.03
CA SER A 212 1.23 -28.26 -18.43
C SER A 212 0.69 -27.75 -19.77
N GLU A 213 0.63 -26.45 -19.92
CA GLU A 213 0.18 -25.90 -21.19
C GLU A 213 1.34 -25.79 -22.19
N ASN B 2 -10.96 -18.67 31.87
CA ASN B 2 -11.95 -17.62 31.59
C ASN B 2 -11.52 -16.59 30.54
N GLY B 3 -12.36 -16.42 29.52
CA GLY B 3 -12.01 -15.60 28.37
C GLY B 3 -11.93 -14.12 28.65
N LEU B 4 -12.89 -13.60 29.41
CA LEU B 4 -12.94 -12.18 29.74
C LEU B 4 -11.66 -11.77 30.48
N MET B 5 -11.29 -12.57 31.47
CA MET B 5 -10.08 -12.30 32.24
C MET B 5 -8.86 -12.26 31.33
N ALA B 6 -8.78 -13.18 30.38
CA ALA B 6 -7.63 -13.20 29.47
C ALA B 6 -7.56 -11.87 28.72
N LYS B 7 -8.70 -11.42 28.21
CA LYS B 7 -8.74 -10.17 27.47
C LYS B 7 -8.49 -8.97 28.42
N ARG B 8 -8.98 -9.04 29.63
CA ARG B 8 -8.78 -7.94 30.56
C ARG B 8 -7.29 -7.85 30.90
N LEU B 9 -6.65 -9.01 31.03
CA LEU B 9 -5.21 -9.05 31.27
C LEU B 9 -4.42 -8.36 30.14
N ARG B 10 -4.72 -8.73 28.89
CA ARG B 10 -4.07 -8.11 27.74
C ARG B 10 -4.22 -6.57 27.78
N ARG B 11 -5.44 -6.10 27.95
CA ARG B 11 -5.72 -4.67 28.00
C ARG B 11 -4.95 -4.00 29.13
N GLU B 12 -4.86 -4.65 30.29
CA GLU B 12 -4.05 -4.12 31.39
C GLU B 12 -2.55 -4.07 31.03
N LEU B 13 -2.01 -5.13 30.45
CA LEU B 13 -0.60 -5.13 30.06
C LEU B 13 -0.31 -4.04 29.05
N LEU B 14 -1.20 -3.91 28.09
CA LEU B 14 -0.99 -3.01 26.97
C LEU B 14 -1.27 -1.56 27.34
N ASN B 15 -1.84 -1.35 28.52
CA ASN B 15 -2.21 0.01 28.91
C ASN B 15 -1.00 0.97 28.92
N THR B 16 0.13 0.48 29.42
CA THR B 16 1.35 1.27 29.40
C THR B 16 1.75 1.71 27.98
N TYR B 17 1.80 0.76 27.06
CA TYR B 17 2.12 1.03 25.66
C TYR B 17 1.12 1.96 25.00
N GLU B 18 -0.14 1.90 25.42
CA GLU B 18 -1.16 2.77 24.86
C GLU B 18 -1.03 4.19 25.38
N GLN B 19 -0.64 4.33 26.64
CA GLN B 19 -0.49 5.66 27.21
C GLN B 19 0.86 6.33 26.92
N LEU B 20 1.94 5.55 26.87
CA LEU B 20 3.27 6.14 26.78
C LEU B 20 3.87 5.94 25.40
N GLY B 21 3.29 5.01 24.63
CA GLY B 21 3.80 4.70 23.30
C GLY B 21 4.72 3.50 23.31
N LYS B 22 4.87 2.85 22.15
CA LYS B 22 5.71 1.66 22.03
C LYS B 22 7.20 1.96 21.81
N SER B 23 7.56 3.20 21.56
CA SER B 23 8.97 3.53 21.30
C SER B 23 9.77 3.45 22.58
N GLY B 24 11.04 3.08 22.46
CA GLY B 24 11.96 3.05 23.59
C GLY B 24 12.06 1.66 24.20
N LEU B 25 13.19 1.36 24.82
CA LEU B 25 13.46 0.03 25.33
C LEU B 25 12.41 -0.43 26.38
N PRO B 26 12.08 -1.72 26.38
CA PRO B 26 10.99 -2.30 27.14
C PRO B 26 11.32 -2.50 28.61
N PHE B 27 11.52 -1.40 29.34
CA PHE B 27 11.87 -1.51 30.75
C PHE B 27 10.95 -0.71 31.62
N LEU B 28 10.34 -1.40 32.57
CA LEU B 28 9.48 -0.77 33.55
C LEU B 28 10.30 0.10 34.52
N ASP B 29 11.49 -0.38 34.87
CA ASP B 29 12.33 0.34 35.84
C ASP B 29 13.67 0.75 35.25
N ASP B 30 14.76 0.28 35.83
CA ASP B 30 16.08 0.59 35.31
C ASP B 30 16.18 0.13 33.86
N ILE B 31 16.59 1.03 32.98
CA ILE B 31 16.76 0.66 31.57
C ILE B 31 17.96 -0.26 31.48
N GLY B 32 17.76 -1.46 30.95
CA GLY B 32 18.88 -2.38 30.82
C GLY B 32 19.24 -2.72 29.38
N LYS B 33 19.75 -3.93 29.20
CA LYS B 33 20.13 -4.39 27.87
C LYS B 33 19.16 -5.49 27.42
N VAL B 34 18.55 -5.33 26.26
CA VAL B 34 17.68 -6.38 25.76
C VAL B 34 18.56 -7.43 25.12
N ASP B 35 18.36 -8.70 25.47
CA ASP B 35 19.06 -9.76 24.73
C ASP B 35 18.12 -10.51 23.77
N VAL B 36 18.29 -10.25 22.47
CA VAL B 36 17.41 -10.83 21.47
C VAL B 36 18.02 -12.14 21.01
N LYS B 37 17.21 -13.19 21.01
CA LYS B 37 17.61 -14.47 20.43
C LYS B 37 17.05 -14.47 19.03
N PHE B 38 17.91 -14.81 18.07
CA PHE B 38 17.60 -14.66 16.66
C PHE B 38 17.84 -15.97 15.92
N GLY B 39 16.85 -16.44 15.18
CA GLY B 39 16.99 -17.63 14.35
C GLY B 39 16.49 -17.34 12.95
N LEU B 40 17.23 -17.80 11.94
CA LEU B 40 16.77 -17.66 10.57
C LEU B 40 16.52 -19.06 9.96
N SER B 41 15.26 -19.34 9.62
CA SER B 41 14.89 -20.64 9.06
C SER B 41 14.57 -20.51 7.57
N LEU B 42 15.47 -20.98 6.70
CA LEU B 42 15.24 -20.93 5.27
C LEU B 42 14.10 -21.85 4.89
N GLN B 43 13.12 -21.35 4.15
CA GLN B 43 12.06 -22.22 3.70
C GLN B 43 12.29 -22.66 2.25
N LEU B 44 12.47 -21.69 1.36
CA LEU B 44 12.66 -21.97 -0.07
C LEU B 44 13.24 -20.77 -0.78
N LEU B 45 13.78 -21.04 -1.96
CA LEU B 45 14.26 -20.00 -2.87
C LEU B 45 13.14 -19.60 -3.79
N LYS B 46 12.81 -18.33 -3.85
CA LYS B 46 11.83 -17.87 -4.85
C LYS B 46 12.48 -17.73 -6.23
N SER B 47 13.60 -17.00 -6.30
CA SER B 47 14.28 -16.78 -7.57
C SER B 47 15.71 -16.33 -7.32
N ILE B 48 16.57 -16.67 -8.28
CA ILE B 48 17.91 -16.10 -8.37
C ILE B 48 17.98 -15.52 -9.75
N GLU B 49 18.15 -14.21 -9.86
CA GLU B 49 18.13 -13.58 -11.17
C GLU B 49 19.44 -12.87 -11.42
N GLN B 50 20.16 -13.30 -12.45
CA GLN B 50 21.41 -12.67 -12.82
C GLN B 50 21.21 -11.15 -12.93
N ARG B 51 22.15 -10.37 -12.39
CA ARG B 51 22.08 -8.92 -12.56
C ARG B 51 22.86 -8.52 -13.78
N GLY B 52 22.15 -8.04 -14.80
CA GLY B 52 22.81 -7.66 -16.05
C GLY B 52 23.52 -8.83 -16.68
N MET B 53 24.77 -8.63 -17.09
CA MET B 53 25.56 -9.71 -17.67
C MET B 53 26.82 -10.05 -16.87
N GLY B 54 26.85 -9.71 -15.59
CA GLY B 54 27.99 -10.02 -14.75
C GLY B 54 27.76 -11.26 -13.91
N PHE B 55 28.56 -11.42 -12.87
CA PHE B 55 28.52 -12.62 -12.05
C PHE B 55 27.64 -12.45 -10.81
N ASN B 56 26.99 -11.30 -10.69
CA ASN B 56 26.15 -11.05 -9.53
C ASN B 56 24.71 -11.35 -9.87
N SER B 57 23.91 -11.59 -8.85
CA SER B 57 22.52 -11.94 -9.05
C SER B 57 21.71 -11.48 -7.83
N ILE B 58 20.42 -11.22 -8.03
CA ILE B 58 19.53 -10.89 -6.92
C ILE B 58 18.87 -12.18 -6.43
N GLY B 59 19.10 -12.54 -5.17
CA GLY B 59 18.50 -13.77 -4.66
C GLY B 59 17.32 -13.35 -3.79
N THR B 60 16.16 -13.96 -4.02
CA THR B 60 14.93 -13.68 -3.25
C THR B 60 14.55 -14.97 -2.55
N PHE B 61 14.47 -14.92 -1.22
CA PHE B 61 14.28 -16.10 -0.41
C PHE B 61 13.03 -15.95 0.42
N LYS B 62 12.45 -17.10 0.78
CA LYS B 62 11.34 -17.16 1.72
C LYS B 62 11.88 -17.81 2.96
N ALA B 63 11.65 -17.15 4.09
CA ALA B 63 12.21 -17.67 5.32
C ALA B 63 11.23 -17.49 6.45
N ILE B 64 11.53 -18.12 7.57
CA ILE B 64 10.81 -17.87 8.80
C ILE B 64 11.84 -17.32 9.81
N VAL B 65 11.57 -16.15 10.35
CA VAL B 65 12.46 -15.49 11.30
C VAL B 65 11.89 -15.74 12.69
N LYS B 66 12.74 -16.20 13.61
CA LYS B 66 12.34 -16.45 14.98
C LYS B 66 13.05 -15.45 15.89
N LEU B 67 12.28 -14.81 16.76
CA LEU B 67 12.81 -13.74 17.58
C LEU B 67 12.26 -13.90 18.99
N SER B 68 13.13 -13.70 19.97
CA SER B 68 12.69 -13.75 21.35
C SER B 68 13.48 -12.76 22.21
N TRP B 69 12.78 -12.10 23.13
CA TRP B 69 13.41 -11.18 24.07
C TRP B 69 12.52 -11.08 25.30
N VAL B 70 12.92 -10.30 26.30
CA VAL B 70 12.14 -10.14 27.52
C VAL B 70 11.60 -8.73 27.57
N ASP B 71 10.33 -8.58 27.88
CA ASP B 71 9.71 -7.27 28.01
C ASP B 71 9.17 -7.21 29.44
N THR B 72 9.90 -6.52 30.32
CA THR B 72 9.52 -6.43 31.72
C THR B 72 8.19 -5.70 31.91
N ILE B 73 7.79 -4.90 30.92
CA ILE B 73 6.52 -4.20 30.97
C ILE B 73 5.40 -5.23 30.87
N LEU B 74 5.64 -6.30 30.12
CA LEU B 74 4.59 -7.27 29.85
C LEU B 74 4.46 -8.40 30.88
N ARG B 75 5.09 -8.27 32.04
CA ARG B 75 5.01 -9.32 33.05
C ARG B 75 3.76 -9.28 33.89
N TRP B 76 3.34 -10.43 34.40
CA TRP B 76 2.27 -10.48 35.40
C TRP B 76 2.45 -11.68 36.31
N ASP B 77 1.88 -11.64 37.52
CA ASP B 77 1.83 -12.83 38.36
C ASP B 77 0.72 -13.74 37.86
N PRO B 78 1.07 -14.99 37.51
CA PRO B 78 0.08 -15.97 37.03
C PRO B 78 -0.76 -16.51 38.18
N GLU B 79 -1.44 -15.61 38.88
CA GLU B 79 -2.34 -15.97 39.95
C GLU B 79 -3.76 -15.73 39.49
N PRO B 80 -4.70 -16.61 39.89
CA PRO B 80 -6.13 -16.37 39.67
C PRO B 80 -6.47 -14.97 40.17
N PRO B 81 -7.25 -14.20 39.40
CA PRO B 81 -7.96 -14.65 38.19
C PRO B 81 -7.12 -14.48 36.92
N PHE B 82 -5.85 -14.13 37.05
CA PHE B 82 -4.99 -14.00 35.87
C PHE B 82 -4.04 -15.20 35.74
N ASP B 83 -4.51 -16.38 36.13
CA ASP B 83 -3.70 -17.58 35.96
C ASP B 83 -3.73 -18.03 34.50
N PHE B 84 -2.90 -17.37 33.71
CA PHE B 84 -2.64 -17.73 32.32
C PHE B 84 -1.12 -17.83 32.18
N GLN B 85 -0.64 -18.86 31.47
CA GLN B 85 0.80 -19.06 31.27
C GLN B 85 1.33 -18.14 30.20
N LYS B 86 0.46 -17.82 29.25
CA LYS B 86 0.85 -16.92 28.18
C LYS B 86 -0.40 -16.30 27.61
N ILE B 87 -0.21 -15.27 26.81
CA ILE B 87 -1.25 -14.68 25.99
C ILE B 87 -0.67 -14.26 24.63
N GLU B 88 -1.50 -14.28 23.61
CA GLU B 88 -1.04 -13.86 22.31
C GLU B 88 -1.27 -12.35 22.19
N ILE B 89 -0.34 -11.66 21.53
CA ILE B 89 -0.41 -10.21 21.35
C ILE B 89 0.11 -9.85 19.97
N SER B 90 -0.46 -8.81 19.37
CA SER B 90 0.04 -8.25 18.11
C SER B 90 1.39 -7.51 18.26
N PRO B 91 2.36 -7.83 17.38
CA PRO B 91 3.68 -7.19 17.47
C PRO B 91 3.59 -5.69 17.23
N ASP B 92 2.50 -5.24 16.63
CA ASP B 92 2.35 -3.82 16.44
C ASP B 92 1.76 -3.11 17.67
N GLU B 93 1.45 -3.85 18.72
CA GLU B 93 0.98 -3.16 19.95
C GLU B 93 2.04 -3.07 21.04
N ILE B 94 3.21 -3.61 20.74
CA ILE B 94 4.31 -3.64 21.70
C ILE B 94 5.59 -3.22 21.00
N TRP B 95 6.62 -3.00 21.80
CA TRP B 95 7.94 -2.76 21.31
C TRP B 95 8.42 -4.04 20.69
N THR B 96 9.08 -3.91 19.55
CA THR B 96 9.76 -5.04 18.92
C THR B 96 11.14 -4.52 18.49
N PRO B 97 12.13 -5.41 18.45
CA PRO B 97 13.47 -4.97 18.02
C PRO B 97 13.49 -4.46 16.57
N ASP B 98 14.23 -3.39 16.32
CA ASP B 98 14.31 -2.81 14.97
C ASP B 98 15.39 -3.57 14.23
N ILE B 99 15.26 -4.89 14.19
CA ILE B 99 16.31 -5.68 13.58
C ILE B 99 16.05 -5.72 12.07
N LYS B 100 17.01 -5.22 11.29
CA LYS B 100 16.81 -5.06 9.85
C LYS B 100 17.82 -5.91 9.05
N LEU B 101 17.50 -6.17 7.80
CA LEU B 101 18.40 -6.87 6.88
C LEU B 101 19.19 -5.75 6.26
N PHE B 102 20.40 -5.51 6.78
CA PHE B 102 21.25 -4.39 6.43
C PHE B 102 21.61 -4.35 4.94
N ASN B 103 21.92 -5.51 4.37
CA ASN B 103 22.32 -5.61 2.96
C ASN B 103 21.19 -5.96 2.01
N SER B 104 19.96 -5.69 2.45
CA SER B 104 18.79 -5.87 1.60
C SER B 104 18.92 -5.05 0.34
N VAL B 105 18.45 -5.62 -0.76
CA VAL B 105 18.47 -4.96 -2.06
C VAL B 105 17.29 -3.97 -2.13
N ASP B 106 16.23 -4.28 -1.40
CA ASP B 106 15.12 -3.34 -1.13
C ASP B 106 15.43 -2.56 0.14
N LEU B 107 14.48 -1.74 0.58
CA LEU B 107 14.63 -0.96 1.81
C LEU B 107 15.00 -1.89 2.97
N ASP B 108 14.35 -3.06 3.00
CA ASP B 108 14.59 -3.99 4.10
C ASP B 108 13.98 -5.30 3.72
N MET B 109 14.26 -6.36 4.48
CA MET B 109 13.47 -7.56 4.31
C MET B 109 12.05 -7.19 4.77
N THR B 110 11.08 -8.00 4.42
CA THR B 110 9.74 -7.77 4.93
C THR B 110 9.40 -8.92 5.87
N LEU B 111 8.73 -8.57 6.97
CA LEU B 111 8.28 -9.52 7.97
C LEU B 111 6.73 -9.48 7.99
N ASP B 112 6.08 -10.60 8.27
CA ASP B 112 4.62 -10.54 8.25
C ASP B 112 4.17 -10.08 9.65
N ARG B 113 3.87 -8.80 9.78
CA ARG B 113 3.57 -8.26 11.11
C ARG B 113 2.11 -8.46 11.50
N THR B 114 1.34 -9.20 10.69
CA THR B 114 0.00 -9.58 11.12
C THR B 114 0.04 -10.84 11.99
N THR B 115 1.18 -11.53 11.99
CA THR B 115 1.27 -12.73 12.81
C THR B 115 1.44 -12.37 14.26
N GLN B 116 0.85 -13.16 15.14
CA GLN B 116 0.82 -12.80 16.54
C GLN B 116 2.08 -13.24 17.25
N ALA B 117 2.51 -12.45 18.22
CA ALA B 117 3.58 -12.87 19.13
C ALA B 117 2.92 -13.56 20.31
N ILE B 118 3.68 -14.39 21.03
CA ILE B 118 3.22 -14.99 22.27
C ILE B 118 4.04 -14.36 23.41
N VAL B 119 3.37 -13.94 24.48
CA VAL B 119 4.05 -13.40 25.67
C VAL B 119 3.78 -14.29 26.88
N PHE B 120 4.83 -14.71 27.60
CA PHE B 120 4.70 -15.57 28.77
C PHE B 120 4.66 -14.68 30.00
N SER B 121 4.23 -15.21 31.14
CA SER B 121 4.01 -14.36 32.31
C SER B 121 5.29 -13.64 32.83
N ASN B 122 6.46 -14.25 32.64
CA ASN B 122 7.70 -13.61 33.07
C ASN B 122 8.20 -12.55 32.08
N GLY B 123 7.38 -12.21 31.09
CA GLY B 123 7.74 -11.16 30.15
C GLY B 123 8.45 -11.60 28.87
N THR B 124 8.79 -12.89 28.79
CA THR B 124 9.39 -13.40 27.54
C THR B 124 8.42 -13.33 26.38
N VAL B 125 8.86 -12.72 25.28
CA VAL B 125 8.07 -12.62 24.08
C VAL B 125 8.71 -13.54 23.05
N LEU B 126 7.87 -14.30 22.34
CA LEU B 126 8.32 -15.17 21.24
C LEU B 126 7.51 -14.79 20.00
N TRP B 127 8.19 -14.42 18.92
CA TRP B 127 7.54 -13.94 17.72
C TRP B 127 8.19 -14.63 16.53
N ILE B 128 7.38 -15.24 15.67
CA ILE B 128 7.93 -16.08 14.60
C ILE B 128 7.34 -15.73 13.23
N PRO B 129 7.69 -14.54 12.72
CA PRO B 129 7.05 -14.09 11.49
C PRO B 129 7.70 -14.70 10.25
N PRO B 130 6.87 -14.98 9.23
CA PRO B 130 7.39 -15.30 7.90
C PRO B 130 8.11 -14.07 7.38
N ALA B 131 9.05 -14.27 6.48
CA ALA B 131 9.92 -13.20 6.02
C ALA B 131 10.30 -13.42 4.55
N VAL B 132 10.44 -12.33 3.80
CA VAL B 132 10.97 -12.39 2.46
C VAL B 132 12.28 -11.59 2.45
N LEU B 133 13.36 -12.18 1.95
CA LEU B 133 14.70 -11.60 2.03
C LEU B 133 15.24 -11.54 0.61
N LYS B 134 15.70 -10.37 0.20
CA LYS B 134 16.22 -10.14 -1.14
C LYS B 134 17.62 -9.55 -1.00
N VAL B 135 18.62 -10.30 -1.47
CA VAL B 135 20.00 -9.87 -1.31
C VAL B 135 20.80 -10.10 -2.56
N LEU B 136 21.98 -9.47 -2.58
CA LEU B 136 22.89 -9.63 -3.71
C LEU B 136 23.77 -10.87 -3.49
N CYS B 137 23.84 -11.73 -4.49
CA CYS B 137 24.59 -12.97 -4.43
C CYS B 137 25.65 -13.00 -5.51
N VAL B 138 26.60 -13.92 -5.37
CA VAL B 138 27.58 -14.20 -6.41
C VAL B 138 27.29 -15.57 -7.04
N SER B 139 27.14 -15.60 -8.36
CA SER B 139 26.81 -16.82 -9.07
C SER B 139 27.97 -17.16 -9.97
N GLN B 140 28.91 -17.96 -9.45
CA GLN B 140 30.06 -18.42 -10.22
C GLN B 140 30.26 -19.92 -10.06
N ASP B 141 30.74 -20.56 -11.12
CA ASP B 141 31.04 -21.99 -11.13
C ASP B 141 29.88 -22.85 -10.61
N ASP B 142 28.67 -22.55 -11.09
CA ASP B 142 27.47 -23.28 -10.69
C ASP B 142 27.21 -23.29 -9.17
N VAL B 143 27.69 -22.25 -8.50
CA VAL B 143 27.32 -22.02 -7.09
C VAL B 143 26.76 -20.61 -6.94
N ASP B 144 25.65 -20.48 -6.21
CA ASP B 144 25.14 -19.17 -5.85
C ASP B 144 25.48 -18.91 -4.38
N SER B 145 26.35 -17.94 -4.11
CA SER B 145 26.74 -17.59 -2.74
C SER B 145 26.07 -16.32 -2.29
N CYS B 146 25.32 -16.39 -1.18
CA CYS B 146 24.60 -15.22 -0.70
C CYS B 146 24.95 -14.97 0.77
N HIS B 147 24.99 -13.69 1.15
N HIS B 147 25.02 -13.69 1.14
CA HIS B 147 25.21 -13.32 2.55
CA HIS B 147 25.23 -13.29 2.53
C HIS B 147 24.07 -12.45 3.09
C HIS B 147 23.92 -12.66 3.03
N PHE B 148 23.71 -12.70 4.35
CA PHE B 148 22.60 -11.98 4.97
C PHE B 148 23.17 -11.31 6.24
N GLN B 149 23.00 -10.01 6.38
CA GLN B 149 23.46 -9.29 7.61
C GLN B 149 22.32 -8.69 8.38
N PHE B 150 22.17 -9.10 9.64
CA PHE B 150 21.07 -8.61 10.45
C PHE B 150 21.59 -7.83 11.67
N GLY B 151 20.90 -6.76 12.05
CA GLY B 151 21.30 -6.01 13.25
C GLY B 151 20.24 -4.99 13.62
N SER B 152 20.26 -4.56 14.87
CA SER B 152 19.39 -3.47 15.27
C SER B 152 19.89 -2.25 14.53
N TRP B 153 18.96 -1.46 14.01
CA TRP B 153 19.31 -0.27 13.27
C TRP B 153 19.87 0.85 14.18
N VAL B 154 19.21 1.13 15.30
CA VAL B 154 19.59 2.30 16.11
C VAL B 154 20.16 1.95 17.48
N TYR B 155 20.08 0.69 17.89
CA TYR B 155 20.57 0.32 19.21
C TYR B 155 21.92 -0.36 19.18
N SER B 156 22.85 0.13 19.98
CA SER B 156 24.18 -0.45 20.13
C SER B 156 24.13 -1.69 21.01
N VAL B 157 25.28 -2.32 21.20
CA VAL B 157 25.41 -3.57 21.94
C VAL B 157 25.00 -3.47 23.41
N ASP B 158 25.11 -2.29 24.00
CA ASP B 158 24.74 -2.06 25.41
C ASP B 158 23.25 -1.84 25.62
N GLU B 159 22.53 -1.76 24.52
CA GLU B 159 21.10 -1.50 24.53
C GLU B 159 20.35 -2.71 23.98
N VAL B 160 20.77 -3.19 22.81
CA VAL B 160 20.21 -4.39 22.23
C VAL B 160 21.34 -5.35 21.84
N ASP B 161 21.36 -6.51 22.48
CA ASP B 161 22.29 -7.57 22.11
C ASP B 161 21.49 -8.56 21.29
N ILE B 162 22.20 -9.34 20.48
CA ILE B 162 21.61 -10.43 19.72
C ILE B 162 22.50 -11.64 19.89
N HIS B 163 21.89 -12.80 20.08
CA HIS B 163 22.63 -14.06 20.06
C HIS B 163 21.83 -15.06 19.25
N PHE B 164 22.49 -16.07 18.70
CA PHE B 164 21.79 -17.06 17.88
C PHE B 164 20.81 -17.87 18.72
N MET B 165 19.57 -18.00 18.25
CA MET B 165 18.63 -18.86 18.98
C MET B 165 19.18 -20.27 19.15
N ASP B 166 19.09 -20.81 20.36
CA ASP B 166 19.60 -22.14 20.66
C ASP B 166 21.10 -22.28 20.37
N ASP B 167 21.81 -21.16 20.33
CA ASP B 167 23.23 -21.11 19.98
C ASP B 167 23.60 -21.89 18.73
N LYS B 168 22.79 -21.77 17.68
CA LYS B 168 23.09 -22.44 16.42
C LYS B 168 23.43 -21.36 15.42
N ALA B 169 24.73 -21.18 15.20
CA ALA B 169 25.23 -20.19 14.27
C ALA B 169 25.18 -20.76 12.86
N GLU B 170 23.96 -20.95 12.36
CA GLU B 170 23.79 -21.45 11.01
C GLU B 170 22.40 -21.07 10.55
N VAL B 171 22.20 -21.09 9.25
CA VAL B 171 20.84 -21.00 8.74
C VAL B 171 20.17 -22.29 9.18
N LEU B 172 19.00 -22.16 9.80
CA LEU B 172 18.26 -23.30 10.31
C LEU B 172 17.46 -23.96 9.20
N LEU B 173 17.37 -25.29 9.24
CA LEU B 173 16.73 -26.06 8.17
C LEU B 173 15.45 -26.73 8.64
N ASP B 174 14.93 -26.29 9.78
CA ASP B 174 13.76 -26.90 10.37
C ASP B 174 12.46 -26.65 9.60
N PHE B 175 12.45 -25.65 8.72
CA PHE B 175 11.30 -25.41 7.86
C PHE B 175 11.67 -25.56 6.38
N TYR B 176 12.78 -26.21 6.09
CA TYR B 176 13.31 -26.21 4.75
C TYR B 176 12.48 -27.13 3.83
N GLN B 177 11.92 -26.56 2.77
CA GLN B 177 11.00 -27.33 1.92
C GLN B 177 11.44 -27.43 0.47
N ASP B 178 12.66 -27.02 0.15
CA ASP B 178 13.10 -26.93 -1.24
C ASP B 178 13.96 -28.12 -1.65
N SER B 179 14.33 -28.17 -2.92
CA SER B 179 15.13 -29.28 -3.44
C SER B 179 16.60 -28.91 -3.67
N LEU B 180 16.94 -27.64 -3.49
CA LEU B 180 18.31 -27.17 -3.70
C LEU B 180 19.28 -27.80 -2.74
N GLU B 181 20.45 -28.17 -3.24
CA GLU B 181 21.53 -28.64 -2.38
C GLU B 181 22.26 -27.46 -1.73
N ILE B 182 22.36 -27.50 -0.41
CA ILE B 182 23.07 -26.50 0.39
C ILE B 182 24.56 -26.89 0.50
N LEU B 183 25.43 -26.06 -0.09
CA LEU B 183 26.88 -26.33 -0.10
C LEU B 183 27.62 -25.65 1.03
N GLU B 184 27.12 -24.51 1.50
CA GLU B 184 27.74 -23.80 2.62
C GLU B 184 26.67 -23.15 3.47
N ASN B 185 26.89 -23.20 4.78
CA ASN B 185 25.90 -22.74 5.75
C ASN B 185 26.65 -22.44 7.04
N SER B 186 26.93 -21.17 7.28
CA SER B 186 27.59 -20.80 8.50
C SER B 186 27.16 -19.40 8.82
N ALA B 187 27.41 -18.99 10.06
CA ALA B 187 27.02 -17.67 10.53
C ALA B 187 27.92 -17.23 11.66
N GLN B 188 28.04 -15.91 11.81
CA GLN B 188 28.85 -15.39 12.88
C GLN B 188 28.24 -14.14 13.50
N ARG B 189 28.36 -14.04 14.81
CA ARG B 189 27.92 -12.85 15.53
C ARG B 189 29.14 -11.95 15.64
N GLN B 190 29.02 -10.71 15.16
CA GLN B 190 30.12 -9.76 15.22
C GLN B 190 29.65 -8.47 15.91
N GLU B 191 30.53 -7.84 16.66
CA GLU B 191 30.25 -6.49 17.14
C GLU B 191 30.97 -5.49 16.23
N VAL B 192 30.20 -4.60 15.62
CA VAL B 192 30.72 -3.74 14.55
C VAL B 192 30.63 -2.25 14.85
N VAL B 193 31.70 -1.52 14.57
CA VAL B 193 31.70 -0.06 14.72
C VAL B 193 31.68 0.60 13.33
N TYR B 194 30.68 1.44 13.05
CA TYR B 194 30.54 2.01 11.70
C TYR B 194 31.15 3.40 11.59
N PRO B 195 31.67 3.75 10.39
CA PRO B 195 32.33 5.06 10.23
C PRO B 195 31.40 6.22 10.63
N CYS B 196 30.12 6.13 10.30
CA CYS B 196 29.14 7.20 10.55
C CYS B 196 28.92 7.53 12.03
N CYS B 197 29.12 6.55 12.91
CA CYS B 197 28.66 6.67 14.28
C CYS B 197 29.66 6.06 15.27
N GLU B 198 29.54 6.42 16.55
CA GLU B 198 30.55 6.07 17.54
C GLU B 198 30.46 4.69 18.25
N SER B 199 29.26 4.19 18.54
CA SER B 199 29.17 2.95 19.33
C SER B 199 29.38 1.65 18.52
N ALA B 200 29.34 0.50 19.21
CA ALA B 200 29.42 -0.81 18.55
C ALA B 200 28.04 -1.48 18.47
N TYR B 201 27.71 -2.05 17.30
CA TYR B 201 26.43 -2.68 17.08
C TYR B 201 26.59 -4.16 16.80
N VAL B 202 25.67 -4.97 17.30
CA VAL B 202 25.72 -6.40 17.02
C VAL B 202 25.24 -6.64 15.60
N GLU B 203 25.98 -7.48 14.89
CA GLU B 203 25.64 -7.89 13.54
C GLU B 203 25.68 -9.42 13.45
N MET B 204 24.61 -10.00 12.92
CA MET B 204 24.56 -11.44 12.71
C MET B 204 24.73 -11.67 11.20
N LYS B 205 25.86 -12.24 10.82
CA LYS B 205 26.20 -12.41 9.42
C LYS B 205 26.14 -13.88 9.00
N TYR B 206 25.21 -14.18 8.09
CA TYR B 206 24.99 -15.54 7.59
C TYR B 206 25.59 -15.71 6.21
N LEU B 207 26.20 -16.87 5.96
CA LEU B 207 26.73 -17.23 4.65
C LEU B 207 26.04 -18.48 4.16
N LEU B 208 25.33 -18.37 3.04
CA LEU B 208 24.62 -19.46 2.41
C LEU B 208 25.15 -19.64 0.99
N ALA B 209 25.54 -20.86 0.65
CA ALA B 209 25.89 -21.20 -0.73
C ALA B 209 25.00 -22.34 -1.23
N LEU B 210 24.36 -22.13 -2.38
CA LEU B 210 23.49 -23.15 -2.97
C LEU B 210 24.03 -23.60 -4.31
N ARG B 211 23.84 -24.89 -4.59
CA ARG B 211 24.06 -25.43 -5.94
C ARG B 211 23.09 -24.79 -6.93
N SER B 212 23.61 -24.23 -7.99
CA SER B 212 22.77 -23.61 -9.00
C SER B 212 21.96 -24.69 -9.75
N GLU B 213 20.73 -24.35 -10.13
CA GLU B 213 19.88 -25.24 -10.91
C GLU B 213 20.23 -25.17 -12.39
N ASN C 2 15.41 5.39 34.36
CA ASN C 2 14.13 4.71 34.47
C ASN C 2 13.40 4.73 33.14
N GLY C 3 12.87 3.57 32.76
CA GLY C 3 12.36 3.35 31.43
C GLY C 3 11.02 4.04 31.19
N LEU C 4 10.21 4.15 32.24
CA LEU C 4 8.93 4.84 32.07
C LEU C 4 9.12 6.36 32.04
N MET C 5 10.11 6.87 32.77
CA MET C 5 10.48 8.28 32.68
C MET C 5 11.02 8.63 31.28
N ALA C 6 11.75 7.71 30.69
CA ALA C 6 12.23 7.86 29.33
C ALA C 6 11.03 8.03 28.37
N LYS C 7 9.99 7.24 28.57
CA LYS C 7 8.76 7.38 27.78
C LYS C 7 8.01 8.69 28.10
N ARG C 8 7.96 9.07 29.37
CA ARG C 8 7.36 10.35 29.72
C ARG C 8 8.06 11.51 29.05
N LEU C 9 9.40 11.47 28.99
CA LEU C 9 10.13 12.51 28.28
C LEU C 9 9.67 12.63 26.83
N ARG C 10 9.63 11.49 26.14
CA ARG C 10 9.19 11.48 24.75
C ARG C 10 7.79 12.09 24.64
N ARG C 11 6.88 11.64 25.48
CA ARG C 11 5.51 12.17 25.45
C ARG C 11 5.51 13.69 25.61
N GLU C 12 6.27 14.22 26.58
CA GLU C 12 6.35 15.66 26.77
C GLU C 12 6.97 16.39 25.58
N LEU C 13 8.07 15.86 25.04
CA LEU C 13 8.64 16.47 23.85
C LEU C 13 7.63 16.53 22.70
N LEU C 14 6.89 15.45 22.51
CA LEU C 14 6.05 15.32 21.33
C LEU C 14 4.70 16.01 21.50
N ASN C 15 4.39 16.42 22.74
CA ASN C 15 3.10 17.05 22.99
C ASN C 15 2.82 18.19 22.02
N THR C 16 3.84 19.02 21.81
CA THR C 16 3.75 20.16 20.91
C THR C 16 3.38 19.71 19.49
N TYR C 17 4.09 18.71 18.98
CA TYR C 17 3.82 18.22 17.63
C TYR C 17 2.44 17.59 17.53
N GLU C 18 1.99 16.94 18.59
CA GLU C 18 0.67 16.35 18.62
C GLU C 18 -0.43 17.43 18.64
N GLN C 19 -0.23 18.48 19.44
CA GLN C 19 -1.21 19.56 19.53
C GLN C 19 -1.21 20.51 18.33
N LEU C 20 -0.03 20.79 17.76
CA LEU C 20 0.06 21.84 16.76
C LEU C 20 0.33 21.34 15.36
N GLY C 21 0.76 20.09 15.24
CA GLY C 21 1.04 19.52 13.93
C GLY C 21 2.53 19.52 13.64
N LYS C 22 2.93 18.71 12.66
CA LYS C 22 4.33 18.52 12.27
C LYS C 22 4.74 19.49 11.17
N SER C 23 3.78 20.12 10.52
CA SER C 23 4.10 21.04 9.42
C SER C 23 4.75 22.30 9.95
N GLY C 24 5.69 22.84 9.17
CA GLY C 24 6.39 24.07 9.55
C GLY C 24 7.77 23.81 10.13
N LEU C 25 8.69 24.75 9.94
CA LEU C 25 10.05 24.65 10.46
C LEU C 25 10.10 24.48 11.98
N PRO C 26 11.02 23.63 12.46
CA PRO C 26 11.04 23.19 13.86
C PRO C 26 11.69 24.20 14.81
N PHE C 27 11.27 25.46 14.72
CA PHE C 27 11.71 26.42 15.71
C PHE C 27 10.61 26.72 16.71
N LEU C 28 11.00 26.67 17.98
CA LEU C 28 10.16 26.99 19.12
C LEU C 28 10.78 28.22 19.76
N ASP C 29 10.51 29.40 19.23
CA ASP C 29 9.69 29.59 18.05
C ASP C 29 10.11 30.84 17.29
N ASP C 30 9.68 30.91 16.03
CA ASP C 30 9.80 32.07 15.13
C ASP C 30 11.24 32.45 14.82
N ILE C 31 11.45 32.90 13.59
CA ILE C 31 12.78 33.15 13.02
C ILE C 31 13.73 31.94 13.14
N GLY C 32 14.43 31.65 12.05
CA GLY C 32 15.38 30.55 12.06
C GLY C 32 15.59 29.93 10.70
N LYS C 33 16.75 29.33 10.50
CA LYS C 33 17.06 28.61 9.27
C LYS C 33 17.54 27.22 9.62
N VAL C 34 16.88 26.20 9.08
CA VAL C 34 17.37 24.86 9.32
C VAL C 34 18.62 24.59 8.49
N ASP C 35 19.64 24.01 9.09
CA ASP C 35 20.79 23.54 8.31
C ASP C 35 20.91 22.02 8.35
N VAL C 36 20.59 21.38 7.24
CA VAL C 36 20.60 19.94 7.15
C VAL C 36 21.99 19.47 6.72
N LYS C 37 22.55 18.49 7.43
CA LYS C 37 23.75 17.82 6.98
C LYS C 37 23.28 16.58 6.21
N PHE C 38 23.80 16.38 5.00
CA PHE C 38 23.27 15.35 4.07
C PHE C 38 24.40 14.46 3.59
N GLY C 39 24.22 13.15 3.69
CA GLY C 39 25.20 12.22 3.16
C GLY C 39 24.51 11.14 2.34
N LEU C 40 25.11 10.75 1.22
CA LEU C 40 24.58 9.68 0.40
C LEU C 40 25.56 8.53 0.36
N SER C 41 25.19 7.42 0.97
CA SER C 41 26.08 6.26 1.05
C SER C 41 25.59 5.13 0.13
N LEU C 42 26.28 4.90 -0.99
CA LEU C 42 25.85 3.85 -1.93
C LEU C 42 26.13 2.47 -1.36
N GLN C 43 25.14 1.59 -1.43
CA GLN C 43 25.32 0.26 -0.87
C GLN C 43 25.52 -0.75 -2.01
N LEU C 44 24.64 -0.68 -3.03
CA LEU C 44 24.74 -1.58 -4.17
C LEU C 44 23.86 -1.14 -5.35
N LEU C 45 24.17 -1.69 -6.51
CA LEU C 45 23.32 -1.47 -7.68
C LEU C 45 22.26 -2.57 -7.78
N LYS C 46 20.99 -2.18 -7.81
CA LYS C 46 19.95 -3.19 -7.99
C LYS C 46 19.88 -3.66 -9.46
N SER C 47 19.84 -2.69 -10.37
CA SER C 47 19.83 -3.00 -11.80
C SER C 47 20.06 -1.75 -12.63
N ILE C 48 20.52 -1.96 -13.86
CA ILE C 48 20.58 -0.91 -14.86
C ILE C 48 19.88 -1.50 -16.07
N GLU C 49 18.79 -0.90 -16.50
CA GLU C 49 18.05 -1.43 -17.63
C GLU C 49 18.00 -0.39 -18.74
N GLN C 50 18.47 -0.81 -19.91
CA GLN C 50 18.48 0.03 -21.08
C GLN C 50 17.07 0.53 -21.38
N ARG C 51 16.93 1.79 -21.77
CA ARG C 51 15.63 2.28 -22.21
C ARG C 51 15.50 2.15 -23.71
N GLY C 52 14.58 1.30 -24.16
CA GLY C 52 14.41 1.05 -25.56
C GLY C 52 15.69 0.54 -26.22
N MET C 53 16.08 1.17 -27.32
CA MET C 53 17.31 0.79 -28.00
C MET C 53 18.28 1.95 -28.07
N GLY C 54 18.15 2.89 -27.15
CA GLY C 54 19.00 4.07 -27.15
C GLY C 54 20.11 4.04 -26.12
N PHE C 55 20.72 5.20 -25.91
CA PHE C 55 21.89 5.29 -25.04
C PHE C 55 21.53 5.53 -23.58
N ASN C 56 20.24 5.60 -23.26
CA ASN C 56 19.80 5.86 -21.89
C ASN C 56 19.36 4.59 -21.17
N SER C 57 19.40 4.63 -19.84
CA SER C 57 19.07 3.46 -19.05
C SER C 57 18.42 3.92 -17.75
N ILE C 58 17.62 3.06 -17.13
CA ILE C 58 17.07 3.36 -15.81
C ILE C 58 17.94 2.62 -14.81
N GLY C 59 18.52 3.36 -13.88
CA GLY C 59 19.38 2.80 -12.85
C GLY C 59 18.69 2.81 -11.50
N THR C 60 18.64 1.65 -10.86
CA THR C 60 18.00 1.51 -9.55
C THR C 60 19.05 1.15 -8.54
N PHE C 61 19.13 1.96 -7.48
CA PHE C 61 20.22 1.82 -6.53
C PHE C 61 19.68 1.64 -5.11
N LYS C 62 20.41 0.87 -4.30
CA LYS C 62 20.14 0.80 -2.87
C LYS C 62 21.20 1.64 -2.13
N ALA C 63 20.72 2.55 -1.29
CA ALA C 63 21.63 3.45 -0.59
C ALA C 63 21.13 3.66 0.85
N ILE C 64 21.96 4.32 1.63
CA ILE C 64 21.62 4.74 2.98
C ILE C 64 21.74 6.26 2.95
N VAL C 65 20.67 6.96 3.28
CA VAL C 65 20.73 8.41 3.29
C VAL C 65 20.94 8.88 4.73
N LYS C 66 21.94 9.75 4.94
CA LYS C 66 22.21 10.30 6.26
C LYS C 66 21.74 11.74 6.39
N LEU C 67 20.94 12.00 7.40
CA LEU C 67 20.36 13.32 7.60
C LEU C 67 20.57 13.79 9.03
N SER C 68 20.93 15.06 9.19
CA SER C 68 20.97 15.64 10.52
C SER C 68 20.62 17.13 10.52
N TRP C 69 19.95 17.54 11.59
CA TRP C 69 19.50 18.92 11.72
C TRP C 69 19.13 19.17 13.18
N VAL C 70 18.89 20.41 13.53
CA VAL C 70 18.48 20.74 14.88
C VAL C 70 17.00 21.06 14.94
N ASP C 71 16.32 20.40 15.85
CA ASP C 71 14.92 20.70 16.10
C ASP C 71 14.84 21.32 17.49
N THR C 72 14.61 22.63 17.55
CA THR C 72 14.64 23.32 18.84
C THR C 72 13.38 23.07 19.67
N ILE C 73 12.36 22.47 19.05
CA ILE C 73 11.17 22.03 19.77
C ILE C 73 11.48 20.81 20.65
N LEU C 74 12.45 20.00 20.23
CA LEU C 74 12.76 18.73 20.89
C LEU C 74 13.93 18.81 21.88
N ARG C 75 14.21 20.00 22.38
CA ARG C 75 15.30 20.15 23.33
C ARG C 75 14.85 19.93 24.78
N TRP C 76 15.76 19.44 25.61
CA TRP C 76 15.49 19.31 27.04
C TRP C 76 16.76 19.43 27.84
N ASP C 77 16.64 19.73 29.12
CA ASP C 77 17.81 19.67 29.99
C ASP C 77 17.91 18.29 30.62
N PRO C 78 19.04 17.61 30.40
CA PRO C 78 19.27 16.24 30.87
C PRO C 78 19.50 16.17 32.38
N GLU C 79 18.58 16.72 33.14
CA GLU C 79 18.62 16.60 34.59
C GLU C 79 17.58 15.57 35.02
N PRO C 80 17.91 14.76 36.04
CA PRO C 80 16.93 13.85 36.64
C PRO C 80 15.60 14.56 36.88
N PRO C 81 14.48 13.86 36.66
CA PRO C 81 14.39 12.45 36.29
C PRO C 81 14.68 12.23 34.80
N PHE C 82 14.74 13.31 34.03
CA PHE C 82 14.96 13.24 32.59
C PHE C 82 16.45 13.30 32.19
N ASP C 83 17.30 12.60 32.93
CA ASP C 83 18.73 12.61 32.65
C ASP C 83 19.06 11.63 31.54
N PHE C 84 18.58 11.95 30.35
CA PHE C 84 18.86 11.15 29.16
C PHE C 84 19.63 12.01 28.18
N GLN C 85 20.68 11.44 27.60
CA GLN C 85 21.47 12.16 26.61
C GLN C 85 20.79 12.15 25.24
N LYS C 86 19.95 11.17 25.01
CA LYS C 86 19.29 11.06 23.72
C LYS C 86 18.07 10.17 23.90
N ILE C 87 17.14 10.25 22.95
CA ILE C 87 16.02 9.34 22.90
C ILE C 87 15.68 9.00 21.43
N GLU C 88 15.08 7.83 21.22
CA GLU C 88 14.69 7.44 19.86
C GLU C 88 13.29 7.93 19.57
N ILE C 89 13.05 8.32 18.33
CA ILE C 89 11.78 8.89 17.93
C ILE C 89 11.47 8.45 16.50
N SER C 90 10.19 8.14 16.24
CA SER C 90 9.76 7.89 14.88
C SER C 90 9.78 9.17 14.01
N PRO C 91 10.34 9.08 12.80
CA PRO C 91 10.42 10.26 11.94
C PRO C 91 9.03 10.74 11.50
N ASP C 92 8.01 9.93 11.68
CA ASP C 92 6.69 10.38 11.31
C ASP C 92 5.97 11.07 12.48
N GLU C 93 6.64 11.19 13.62
CA GLU C 93 6.06 11.92 14.75
C GLU C 93 6.65 13.34 14.90
N ILE C 94 7.67 13.66 14.11
CA ILE C 94 8.31 14.99 14.15
C ILE C 94 8.40 15.57 12.74
N TRP C 95 8.86 16.81 12.63
CA TRP C 95 9.13 17.41 11.33
C TRP C 95 10.36 16.73 10.78
N THR C 96 10.36 16.47 9.49
CA THR C 96 11.58 16.08 8.82
C THR C 96 11.72 16.95 7.58
N PRO C 97 12.95 17.14 7.08
CA PRO C 97 13.13 17.88 5.82
C PRO C 97 12.42 17.21 4.62
N ASP C 98 11.79 18.01 3.74
CA ASP C 98 11.13 17.46 2.55
C ASP C 98 12.16 17.33 1.42
N ILE C 99 13.30 16.70 1.71
CA ILE C 99 14.39 16.60 0.74
C ILE C 99 14.02 15.46 -0.20
N LYS C 100 13.81 15.78 -1.48
CA LYS C 100 13.36 14.75 -2.43
C LYS C 100 14.44 14.54 -3.48
N LEU C 101 14.44 13.36 -4.11
CA LEU C 101 15.25 13.12 -5.29
C LEU C 101 14.54 13.78 -6.48
N PHE C 102 15.00 14.97 -6.83
CA PHE C 102 14.34 15.81 -7.83
C PHE C 102 14.21 15.12 -9.21
N ASN C 103 15.25 14.38 -9.59
CA ASN C 103 15.28 13.76 -10.93
C ASN C 103 14.86 12.29 -10.91
N SER C 104 14.12 11.92 -9.85
CA SER C 104 13.56 10.55 -9.76
C SER C 104 12.75 10.18 -11.00
N VAL C 105 12.93 8.95 -11.50
CA VAL C 105 12.11 8.39 -12.57
C VAL C 105 10.71 8.09 -12.03
N ASP C 106 10.63 7.81 -10.73
CA ASP C 106 9.37 7.61 -10.01
C ASP C 106 8.95 8.90 -9.36
N LEU C 107 7.90 8.88 -8.54
CA LEU C 107 7.51 10.09 -7.82
C LEU C 107 8.70 10.73 -7.05
N ASP C 108 9.51 9.86 -6.46
CA ASP C 108 10.62 10.27 -5.62
C ASP C 108 11.37 9.00 -5.23
N MET C 109 12.57 9.14 -4.70
CA MET C 109 13.18 7.99 -4.04
C MET C 109 12.28 7.51 -2.90
N THR C 110 12.45 6.27 -2.47
CA THR C 110 11.75 5.81 -1.27
C THR C 110 12.72 5.76 -0.09
N LEU C 111 12.26 6.23 1.07
CA LEU C 111 13.00 6.14 2.33
C LEU C 111 12.28 5.20 3.29
N ASP C 112 13.05 4.50 4.13
CA ASP C 112 12.39 3.56 5.01
C ASP C 112 12.02 4.38 6.24
N ARG C 113 10.77 4.83 6.30
CA ARG C 113 10.35 5.75 7.36
C ARG C 113 9.93 4.97 8.59
N THR C 114 10.13 3.65 8.56
CA THR C 114 9.94 2.85 9.77
C THR C 114 11.18 2.91 10.64
N THR C 115 12.34 3.29 10.07
CA THR C 115 13.56 3.34 10.89
C THR C 115 13.49 4.54 11.85
N GLN C 116 14.06 4.42 13.04
CA GLN C 116 13.95 5.52 14.01
C GLN C 116 14.99 6.59 13.80
N ALA C 117 14.65 7.80 14.21
CA ALA C 117 15.66 8.85 14.39
C ALA C 117 16.09 8.89 15.85
N ILE C 118 17.25 9.49 16.07
CA ILE C 118 17.78 9.70 17.40
C ILE C 118 17.80 11.19 17.62
N VAL C 119 17.31 11.63 18.75
CA VAL C 119 17.35 13.05 19.07
C VAL C 119 18.17 13.22 20.34
N PHE C 120 19.13 14.14 20.32
CA PHE C 120 19.92 14.48 21.49
C PHE C 120 19.30 15.63 22.27
N SER C 121 19.72 15.80 23.52
CA SER C 121 19.06 16.75 24.41
C SER C 121 19.16 18.18 23.89
N ASN C 122 20.21 18.48 23.13
CA ASN C 122 20.34 19.82 22.57
C ASN C 122 19.52 20.05 21.30
N GLY C 123 18.74 19.04 20.89
CA GLY C 123 17.83 19.14 19.76
C GLY C 123 18.37 18.61 18.43
N THR C 124 19.63 18.19 18.41
CA THR C 124 20.20 17.52 17.25
C THR C 124 19.50 16.20 16.97
N VAL C 125 19.01 16.08 15.75
CA VAL C 125 18.34 14.89 15.26
C VAL C 125 19.27 14.23 14.25
N LEU C 126 19.42 12.92 14.36
CA LEU C 126 20.18 12.13 13.43
C LEU C 126 19.26 11.05 12.91
N TRP C 127 19.02 11.05 11.60
CA TRP C 127 18.14 10.06 10.99
C TRP C 127 18.85 9.47 9.77
N ILE C 128 18.95 8.15 9.73
CA ILE C 128 19.76 7.43 8.76
C ILE C 128 18.96 6.31 8.08
N PRO C 129 17.96 6.67 7.26
CA PRO C 129 17.10 5.66 6.63
C PRO C 129 17.73 5.01 5.38
N PRO C 130 17.51 3.69 5.20
CA PRO C 130 17.78 3.04 3.89
C PRO C 130 16.91 3.68 2.82
N ALA C 131 17.38 3.68 1.59
CA ALA C 131 16.69 4.39 0.51
C ALA C 131 16.83 3.61 -0.79
N VAL C 132 15.86 3.78 -1.67
CA VAL C 132 15.94 3.21 -3.01
C VAL C 132 15.76 4.37 -3.98
N LEU C 133 16.70 4.51 -4.91
CA LEU C 133 16.77 5.67 -5.79
C LEU C 133 16.77 5.16 -7.20
N LYS C 134 15.95 5.79 -8.02
CA LYS C 134 15.80 5.36 -9.41
C LYS C 134 15.95 6.57 -10.28
N VAL C 135 16.97 6.55 -11.14
CA VAL C 135 17.27 7.70 -11.98
C VAL C 135 17.58 7.28 -13.42
N LEU C 136 17.61 8.27 -14.30
CA LEU C 136 17.87 8.00 -15.69
C LEU C 136 19.37 8.19 -15.91
N CYS C 137 20.03 7.18 -16.46
CA CYS C 137 21.48 7.23 -16.65
C CYS C 137 21.84 7.26 -18.13
N VAL C 138 23.10 7.57 -18.42
CA VAL C 138 23.59 7.38 -19.78
C VAL C 138 24.55 6.21 -19.78
N SER C 139 24.39 5.33 -20.77
CA SER C 139 25.15 4.10 -20.87
C SER C 139 25.77 4.11 -22.25
N GLN C 140 27.03 4.53 -22.35
CA GLN C 140 27.81 4.50 -23.59
C GLN C 140 29.24 4.04 -23.29
N ASP C 141 29.88 3.37 -24.26
CA ASP C 141 31.30 3.01 -24.15
C ASP C 141 31.65 2.28 -22.85
N ASP C 142 30.82 1.30 -22.50
CA ASP C 142 30.97 0.53 -21.26
C ASP C 142 30.98 1.36 -19.97
N VAL C 143 30.45 2.57 -20.01
CA VAL C 143 30.27 3.36 -18.80
C VAL C 143 28.80 3.72 -18.58
N ASP C 144 28.33 3.54 -17.36
CA ASP C 144 27.01 4.02 -16.94
C ASP C 144 27.20 5.25 -16.05
N SER C 145 26.70 6.38 -16.51
CA SER C 145 26.81 7.65 -15.81
C SER C 145 25.43 8.08 -15.34
N CYS C 146 25.32 8.31 -14.04
CA CYS C 146 24.02 8.67 -13.44
C CYS C 146 24.19 9.88 -12.55
N HIS C 147 23.19 10.76 -12.54
N HIS C 147 23.19 10.74 -12.54
CA HIS C 147 23.21 11.91 -11.66
CA HIS C 147 23.16 11.89 -11.66
C HIS C 147 22.03 11.86 -10.66
C HIS C 147 22.06 11.73 -10.61
N PHE C 148 22.27 12.35 -9.45
CA PHE C 148 21.27 12.40 -8.38
C PHE C 148 21.16 13.87 -7.89
N GLN C 149 19.98 14.48 -8.00
CA GLN C 149 19.75 15.83 -7.46
C GLN C 149 18.78 15.80 -6.28
N PHE C 150 19.21 16.38 -5.16
CA PHE C 150 18.40 16.42 -3.97
C PHE C 150 18.19 17.86 -3.58
N GLY C 151 16.97 18.17 -3.13
CA GLY C 151 16.73 19.47 -2.50
C GLY C 151 15.40 19.42 -1.79
N SER C 152 15.23 20.36 -0.87
CA SER C 152 13.95 20.60 -0.23
C SER C 152 12.97 20.96 -1.30
N TRP C 153 11.80 20.34 -1.28
CA TRP C 153 10.78 20.67 -2.29
C TRP C 153 10.22 22.09 -2.18
N VAL C 154 9.89 22.54 -0.97
CA VAL C 154 9.23 23.84 -0.85
C VAL C 154 10.00 24.88 -0.08
N TYR C 155 11.11 24.51 0.55
CA TYR C 155 11.88 25.49 1.32
C TYR C 155 13.09 26.04 0.62
N SER C 156 13.14 27.37 0.54
CA SER C 156 14.25 28.05 -0.10
C SER C 156 15.48 28.08 0.82
N VAL C 157 16.58 28.65 0.31
CA VAL C 157 17.85 28.62 1.03
C VAL C 157 17.76 29.40 2.35
N ASP C 158 16.88 30.38 2.43
CA ASP C 158 16.69 31.15 3.67
C ASP C 158 15.98 30.33 4.74
N GLU C 159 15.39 29.21 4.32
CA GLU C 159 14.54 28.44 5.21
C GLU C 159 15.18 27.11 5.56
N VAL C 160 15.61 26.37 4.54
CA VAL C 160 16.32 25.12 4.74
C VAL C 160 17.61 25.14 3.92
N ASP C 161 18.74 24.99 4.59
CA ASP C 161 20.03 24.95 3.93
C ASP C 161 20.46 23.50 3.96
N ILE C 162 21.36 23.11 3.05
CA ILE C 162 21.90 21.77 3.07
C ILE C 162 23.41 21.83 2.82
N HIS C 163 24.17 21.05 3.58
CA HIS C 163 25.60 20.90 3.34
C HIS C 163 25.96 19.44 3.39
N PHE C 164 27.06 19.09 2.72
CA PHE C 164 27.52 17.71 2.68
C PHE C 164 27.91 17.30 4.08
N MET C 165 27.40 16.17 4.55
CA MET C 165 27.80 15.69 5.88
C MET C 165 29.29 15.45 5.92
N ASP C 166 29.94 15.91 6.99
CA ASP C 166 31.41 15.84 7.11
C ASP C 166 32.16 16.53 5.97
N ASP C 167 31.49 17.42 5.23
CA ASP C 167 32.14 18.14 4.13
C ASP C 167 32.68 17.25 3.00
N LYS C 168 32.09 16.07 2.85
CA LYS C 168 32.53 15.15 1.79
C LYS C 168 31.60 15.28 0.58
N ALA C 169 32.05 16.01 -0.43
CA ALA C 169 31.22 16.24 -1.61
C ALA C 169 31.34 15.04 -2.58
N GLU C 170 30.80 13.89 -2.16
CA GLU C 170 30.89 12.67 -2.96
C GLU C 170 29.95 11.61 -2.42
N VAL C 171 29.67 10.62 -3.25
CA VAL C 171 28.93 9.46 -2.81
C VAL C 171 29.85 8.75 -1.83
N LEU C 172 29.35 8.51 -0.62
CA LEU C 172 30.11 7.83 0.43
C LEU C 172 30.12 6.33 0.21
N LEU C 173 31.23 5.70 0.57
CA LEU C 173 31.44 4.26 0.38
C LEU C 173 31.55 3.52 1.70
N ASP C 174 31.19 4.19 2.78
CA ASP C 174 31.21 3.58 4.11
C ASP C 174 30.26 2.39 4.24
N PHE C 175 29.22 2.32 3.39
CA PHE C 175 28.36 1.13 3.35
C PHE C 175 28.44 0.36 2.01
N TYR C 176 29.45 0.65 1.20
CA TYR C 176 29.51 0.05 -0.14
C TYR C 176 29.77 -1.44 -0.06
N GLN C 177 28.93 -2.24 -0.73
CA GLN C 177 29.06 -3.69 -0.67
C GLN C 177 29.01 -4.35 -2.04
N ASP C 178 29.13 -3.58 -3.10
CA ASP C 178 29.00 -4.14 -4.45
C ASP C 178 30.38 -4.39 -5.05
N SER C 179 30.42 -4.87 -6.27
CA SER C 179 31.68 -5.23 -6.91
C SER C 179 31.97 -4.31 -8.08
N LEU C 180 31.12 -3.31 -8.26
CA LEU C 180 31.21 -2.42 -9.41
C LEU C 180 32.37 -1.46 -9.31
N GLU C 181 33.02 -1.25 -10.45
CA GLU C 181 34.08 -0.24 -10.51
C GLU C 181 33.50 1.16 -10.65
N ILE C 182 33.77 1.98 -9.65
CA ILE C 182 33.39 3.38 -9.64
C ILE C 182 34.38 4.23 -10.45
N LEU C 183 33.90 4.84 -11.53
CA LEU C 183 34.77 5.59 -12.43
C LEU C 183 34.77 7.10 -12.18
N GLU C 184 33.64 7.63 -11.70
CA GLU C 184 33.55 9.03 -11.29
C GLU C 184 32.61 9.10 -10.10
N ASN C 185 32.87 10.06 -9.23
CA ASN C 185 32.15 10.15 -7.99
C ASN C 185 32.38 11.56 -7.47
N SER C 186 31.50 12.49 -7.82
CA SER C 186 31.63 13.86 -7.37
C SER C 186 30.25 14.42 -7.07
N ALA C 187 30.24 15.50 -6.31
CA ALA C 187 28.99 16.18 -5.98
C ALA C 187 29.25 17.68 -5.84
N GLN C 188 28.19 18.47 -6.05
CA GLN C 188 28.30 19.92 -5.95
C GLN C 188 27.07 20.47 -5.27
N ARG C 189 27.30 21.43 -4.38
CA ARG C 189 26.21 22.18 -3.76
C ARG C 189 26.00 23.44 -4.57
N GLN C 190 24.77 23.68 -5.03
CA GLN C 190 24.45 24.86 -5.80
C GLN C 190 23.20 25.49 -5.21
N GLU C 191 23.08 26.79 -5.40
CA GLU C 191 21.84 27.47 -5.08
C GLU C 191 21.12 27.81 -6.37
N VAL C 192 19.96 27.21 -6.57
CA VAL C 192 19.28 27.22 -7.85
C VAL C 192 17.98 28.01 -7.85
N VAL C 193 17.82 28.83 -8.88
CA VAL C 193 16.57 29.52 -9.15
C VAL C 193 15.83 28.77 -10.27
N TYR C 194 14.62 28.30 -10.01
CA TYR C 194 13.82 27.60 -11.03
C TYR C 194 12.90 28.60 -11.75
N PRO C 195 12.65 28.39 -13.05
CA PRO C 195 11.80 29.34 -13.80
C PRO C 195 10.42 29.53 -13.16
N CYS C 196 9.87 28.46 -12.59
CA CYS C 196 8.53 28.45 -12.04
C CYS C 196 8.37 29.31 -10.80
N CYS C 197 9.47 29.53 -10.08
CA CYS C 197 9.37 30.00 -8.72
C CYS C 197 10.45 31.03 -8.38
N GLU C 198 10.12 31.96 -7.48
CA GLU C 198 10.94 33.15 -7.25
C GLU C 198 12.29 32.91 -6.57
N SER C 199 12.28 32.21 -5.44
CA SER C 199 13.45 32.11 -4.56
C SER C 199 14.52 31.17 -5.10
N ALA C 200 15.67 31.17 -4.42
CA ALA C 200 16.71 30.17 -4.69
C ALA C 200 16.59 28.98 -3.72
N TYR C 201 16.88 27.79 -4.22
CA TYR C 201 16.76 26.56 -3.46
C TYR C 201 18.09 25.83 -3.54
N VAL C 202 18.49 25.23 -2.43
CA VAL C 202 19.72 24.43 -2.41
C VAL C 202 19.50 23.11 -3.14
N GLU C 203 20.48 22.75 -3.96
CA GLU C 203 20.49 21.48 -4.66
C GLU C 203 21.83 20.79 -4.48
N MET C 204 21.80 19.57 -3.98
CA MET C 204 22.99 18.75 -3.94
C MET C 204 22.91 17.83 -5.16
N LYS C 205 23.85 18.05 -6.09
CA LYS C 205 23.84 17.31 -7.34
C LYS C 205 25.04 16.40 -7.38
N TYR C 206 24.78 15.10 -7.41
CA TYR C 206 25.81 14.08 -7.39
C TYR C 206 26.02 13.52 -8.80
N LEU C 207 27.26 13.19 -9.10
CA LEU C 207 27.58 12.48 -10.33
C LEU C 207 28.29 11.19 -9.97
N LEU C 208 27.78 10.09 -10.52
CA LEU C 208 28.34 8.77 -10.31
C LEU C 208 28.46 8.07 -11.67
N ALA C 209 29.67 7.62 -12.01
CA ALA C 209 29.89 6.79 -13.21
C ALA C 209 30.40 5.41 -12.78
N LEU C 210 29.80 4.36 -13.32
CA LEU C 210 30.18 2.98 -13.02
C LEU C 210 30.65 2.27 -14.26
N ARG C 211 31.68 1.43 -14.14
CA ARG C 211 32.02 0.55 -15.24
C ARG C 211 30.89 -0.45 -15.40
N SER C 212 30.41 -0.56 -16.63
CA SER C 212 29.36 -1.52 -16.97
C SER C 212 29.84 -2.97 -16.80
N GLU C 213 28.98 -3.81 -16.22
CA GLU C 213 29.27 -5.23 -16.05
C GLU C 213 29.26 -5.97 -17.41
N ASN D 2 7.60 29.16 10.05
CA ASN D 2 8.52 29.25 11.19
C ASN D 2 7.88 29.71 12.52
N GLY D 3 7.94 28.83 13.53
CA GLY D 3 7.50 29.16 14.88
C GLY D 3 6.16 28.59 15.30
N LEU D 4 5.87 28.63 16.60
CA LEU D 4 4.63 28.10 17.16
C LEU D 4 3.40 28.90 16.73
N MET D 5 3.56 30.20 16.55
CA MET D 5 2.44 31.05 16.14
C MET D 5 2.04 30.73 14.70
N ALA D 6 3.01 30.50 13.84
CA ALA D 6 2.74 29.97 12.51
C ALA D 6 1.90 28.68 12.60
N LYS D 7 2.24 27.80 13.54
CA LYS D 7 1.52 26.53 13.64
C LYS D 7 0.12 26.81 14.17
N ARG D 8 0.02 27.75 15.11
CA ARG D 8 -1.29 28.16 15.61
C ARG D 8 -2.11 28.75 14.49
N LEU D 9 -1.48 29.50 13.58
CA LEU D 9 -2.18 30.06 12.44
C LEU D 9 -2.71 28.89 11.60
N ARG D 10 -1.85 27.91 11.34
CA ARG D 10 -2.29 26.74 10.56
C ARG D 10 -3.50 26.03 11.19
N ARG D 11 -3.46 25.84 12.52
CA ARG D 11 -4.55 25.15 13.22
C ARG D 11 -5.88 25.89 13.09
N GLU D 12 -5.83 27.21 13.24
CA GLU D 12 -7.02 28.04 13.04
C GLU D 12 -7.58 27.97 11.61
N LEU D 13 -6.70 28.09 10.62
CA LEU D 13 -7.12 27.98 9.22
C LEU D 13 -7.74 26.63 8.96
N LEU D 14 -7.15 25.58 9.53
CA LEU D 14 -7.59 24.22 9.18
C LEU D 14 -8.78 23.75 10.00
N ASN D 15 -9.13 24.49 11.05
CA ASN D 15 -10.25 24.13 11.91
C ASN D 15 -11.54 23.95 11.12
N THR D 16 -11.79 24.83 10.16
CA THR D 16 -12.96 24.70 9.29
C THR D 16 -12.98 23.36 8.57
N TYR D 17 -11.88 23.03 7.90
CA TYR D 17 -11.77 21.74 7.21
C TYR D 17 -11.84 20.54 8.12
N GLU D 18 -11.31 20.67 9.32
CA GLU D 18 -11.38 19.59 10.29
C GLU D 18 -12.79 19.41 10.80
N GLN D 19 -13.47 20.51 11.04
CA GLN D 19 -14.81 20.45 11.61
C GLN D 19 -15.82 20.00 10.56
N LEU D 20 -15.69 20.56 9.37
CA LEU D 20 -16.71 20.47 8.33
C LEU D 20 -16.38 19.51 7.20
N GLY D 21 -15.12 19.11 7.12
CA GLY D 21 -14.67 18.25 6.05
C GLY D 21 -14.12 19.02 4.87
N LYS D 22 -13.31 18.35 4.07
CA LYS D 22 -12.65 18.93 2.90
C LYS D 22 -13.46 18.83 1.61
N SER D 23 -14.51 18.01 1.62
CA SER D 23 -15.36 17.92 0.45
C SER D 23 -16.10 19.24 0.23
N GLY D 24 -16.40 19.55 -1.02
CA GLY D 24 -17.14 20.76 -1.30
C GLY D 24 -16.23 21.88 -1.74
N LEU D 25 -16.74 22.71 -2.64
CA LEU D 25 -15.97 23.82 -3.18
C LEU D 25 -15.49 24.73 -2.03
N PRO D 26 -14.26 25.21 -2.14
CA PRO D 26 -13.65 26.00 -1.06
C PRO D 26 -14.22 27.42 -0.96
N PHE D 27 -15.50 27.53 -0.57
CA PHE D 27 -16.13 28.84 -0.44
C PHE D 27 -16.79 29.02 0.91
N LEU D 28 -16.41 30.09 1.59
CA LEU D 28 -16.95 30.44 2.89
C LEU D 28 -18.39 30.92 2.75
N ASP D 29 -18.60 31.90 1.88
CA ASP D 29 -19.91 32.50 1.72
C ASP D 29 -20.55 32.06 0.41
N ASP D 30 -20.81 33.00 -0.50
CA ASP D 30 -21.40 32.64 -1.78
C ASP D 30 -20.53 31.61 -2.51
N ILE D 31 -21.12 30.53 -2.98
CA ILE D 31 -20.40 29.53 -3.71
C ILE D 31 -20.07 30.06 -5.10
N GLY D 32 -18.80 30.10 -5.43
CA GLY D 32 -18.38 30.61 -6.72
C GLY D 32 -17.77 29.53 -7.58
N LYS D 33 -16.97 29.95 -8.55
CA LYS D 33 -16.30 29.03 -9.45
C LYS D 33 -14.84 29.06 -9.11
N VAL D 34 -14.25 27.90 -8.90
CA VAL D 34 -12.82 27.82 -8.74
C VAL D 34 -12.15 27.93 -10.10
N ASP D 35 -11.13 28.77 -10.20
CA ASP D 35 -10.36 28.79 -11.43
C ASP D 35 -8.99 28.21 -11.16
N VAL D 36 -8.75 27.01 -11.70
CA VAL D 36 -7.49 26.32 -11.49
C VAL D 36 -6.52 26.66 -12.63
N LYS D 37 -5.30 27.02 -12.27
CA LYS D 37 -4.24 27.20 -13.26
C LYS D 37 -3.45 25.90 -13.27
N PHE D 38 -3.23 25.33 -14.45
CA PHE D 38 -2.71 23.98 -14.58
C PHE D 38 -1.49 24.00 -15.50
N GLY D 39 -0.40 23.38 -15.06
CA GLY D 39 0.82 23.33 -15.85
C GLY D 39 1.32 21.91 -15.84
N LEU D 40 1.72 21.43 -17.01
CA LEU D 40 2.28 20.09 -17.11
C LEU D 40 3.74 20.23 -17.61
N SER D 41 4.69 19.87 -16.76
CA SER D 41 6.11 19.99 -17.09
C SER D 41 6.76 18.63 -17.20
N LEU D 42 6.95 18.16 -18.43
CA LEU D 42 7.63 16.89 -18.68
C LEU D 42 9.05 16.93 -18.13
N GLN D 43 9.40 15.91 -17.36
CA GLN D 43 10.76 15.76 -16.87
C GLN D 43 11.53 14.73 -17.73
N LEU D 44 10.98 13.51 -17.82
CA LEU D 44 11.59 12.47 -18.66
C LEU D 44 10.59 11.36 -19.05
N LEU D 45 11.01 10.55 -20.02
CA LEU D 45 10.29 9.36 -20.41
C LEU D 45 10.83 8.19 -19.61
N LYS D 46 9.96 7.44 -18.94
CA LYS D 46 10.43 6.24 -18.27
C LYS D 46 10.50 5.11 -19.28
N SER D 47 9.43 4.93 -20.05
CA SER D 47 9.42 3.83 -21.01
C SER D 47 8.37 4.01 -22.07
N ILE D 48 8.62 3.41 -23.21
CA ILE D 48 7.56 3.30 -24.18
C ILE D 48 7.57 1.85 -24.68
N GLU D 49 6.50 1.14 -24.37
CA GLU D 49 6.44 -0.29 -24.59
C GLU D 49 5.31 -0.65 -25.55
N GLN D 50 5.70 -1.25 -26.67
CA GLN D 50 4.78 -1.64 -27.71
C GLN D 50 3.71 -2.57 -27.14
N ARG D 51 2.46 -2.30 -27.46
CA ARG D 51 1.39 -3.22 -27.05
C ARG D 51 1.25 -4.35 -28.07
N GLY D 52 1.44 -5.58 -27.61
CA GLY D 52 1.49 -6.74 -28.49
C GLY D 52 2.34 -6.49 -29.72
N MET D 53 1.76 -6.76 -30.90
CA MET D 53 2.47 -6.57 -32.15
C MET D 53 1.88 -5.48 -33.04
N GLY D 54 1.03 -4.63 -32.46
CA GLY D 54 0.41 -3.57 -33.23
C GLY D 54 1.15 -2.23 -33.17
N PHE D 55 0.49 -1.18 -33.67
CA PHE D 55 1.08 0.15 -33.72
C PHE D 55 0.88 0.96 -32.43
N ASN D 56 0.24 0.39 -31.42
CA ASN D 56 0.11 1.13 -30.14
C ASN D 56 1.14 0.75 -29.08
N SER D 57 1.29 1.61 -28.08
CA SER D 57 2.30 1.41 -27.07
C SER D 57 1.84 2.04 -25.77
N ILE D 58 2.41 1.62 -24.64
CA ILE D 58 2.17 2.28 -23.34
C ILE D 58 3.35 3.18 -23.01
N GLY D 59 3.11 4.48 -22.96
CA GLY D 59 4.14 5.44 -22.66
C GLY D 59 4.00 5.85 -21.20
N THR D 60 5.06 5.70 -20.43
CA THR D 60 5.08 6.05 -19.02
C THR D 60 6.02 7.22 -18.81
N PHE D 61 5.50 8.29 -18.24
CA PHE D 61 6.23 9.55 -18.18
C PHE D 61 6.40 9.99 -16.73
N LYS D 62 7.48 10.72 -16.47
CA LYS D 62 7.69 11.40 -15.20
C LYS D 62 7.50 12.87 -15.50
N ALA D 63 6.63 13.53 -14.74
CA ALA D 63 6.41 14.95 -14.91
C ALA D 63 6.26 15.66 -13.56
N ILE D 64 6.26 17.00 -13.61
CA ILE D 64 5.88 17.85 -12.51
C ILE D 64 4.59 18.57 -12.94
N VAL D 65 3.56 18.48 -12.10
CA VAL D 65 2.27 19.10 -12.40
C VAL D 65 2.15 20.35 -11.53
N LYS D 66 1.92 21.51 -12.14
CA LYS D 66 1.72 22.73 -11.35
C LYS D 66 0.24 23.12 -11.25
N LEU D 67 -0.27 23.32 -10.03
CA LEU D 67 -1.66 23.69 -9.81
C LEU D 67 -1.74 24.91 -8.91
N SER D 68 -2.58 25.86 -9.29
CA SER D 68 -2.88 26.98 -8.39
C SER D 68 -4.36 27.31 -8.48
N TRP D 69 -4.92 27.74 -7.36
CA TRP D 69 -6.31 28.14 -7.28
C TRP D 69 -6.50 28.98 -5.99
N VAL D 70 -7.64 29.65 -5.88
CA VAL D 70 -7.93 30.38 -4.67
C VAL D 70 -8.85 29.59 -3.75
N ASP D 71 -8.47 29.51 -2.48
CA ASP D 71 -9.32 28.92 -1.46
C ASP D 71 -9.67 30.04 -0.45
N THR D 72 -10.89 30.56 -0.56
CA THR D 72 -11.30 31.67 0.32
C THR D 72 -11.47 31.24 1.78
N ILE D 73 -11.61 29.94 2.02
CA ILE D 73 -11.61 29.46 3.41
C ILE D 73 -10.24 29.66 4.10
N LEU D 74 -9.15 29.60 3.34
CA LEU D 74 -7.82 29.63 3.90
C LEU D 74 -7.24 31.05 3.98
N ARG D 75 -8.09 32.07 4.01
CA ARG D 75 -7.61 33.45 4.00
C ARG D 75 -7.36 33.93 5.43
N TRP D 76 -6.44 34.88 5.58
CA TRP D 76 -6.23 35.54 6.88
C TRP D 76 -5.57 36.91 6.66
N ASP D 77 -5.73 37.80 7.64
CA ASP D 77 -5.06 39.09 7.55
C ASP D 77 -3.67 38.90 8.10
N PRO D 78 -2.64 39.21 7.30
CA PRO D 78 -1.29 39.03 7.81
C PRO D 78 -0.94 40.14 8.82
N GLU D 79 -1.64 40.20 9.96
CA GLU D 79 -1.41 41.19 11.03
C GLU D 79 -1.01 40.45 12.30
N PRO D 80 -0.31 41.14 13.22
CA PRO D 80 0.05 40.53 14.51
C PRO D 80 -1.15 39.89 15.21
N PRO D 81 -0.95 38.69 15.78
CA PRO D 81 0.31 37.94 15.81
C PRO D 81 0.37 36.86 14.73
N PHE D 82 -0.44 36.99 13.68
CA PHE D 82 -0.34 36.07 12.54
C PHE D 82 0.17 36.76 11.29
N ASP D 83 1.25 37.53 11.43
CA ASP D 83 1.83 38.28 10.33
C ASP D 83 2.73 37.37 9.50
N PHE D 84 2.10 36.49 8.74
CA PHE D 84 2.83 35.59 7.86
C PHE D 84 2.26 35.78 6.46
N GLN D 85 3.13 35.89 5.46
CA GLN D 85 2.63 36.09 4.10
C GLN D 85 2.10 34.78 3.52
N LYS D 86 2.61 33.65 4.03
CA LYS D 86 2.27 32.34 3.51
C LYS D 86 2.57 31.28 4.55
N ILE D 87 1.98 30.10 4.39
CA ILE D 87 2.35 28.95 5.19
C ILE D 87 2.25 27.69 4.32
N GLU D 88 3.00 26.67 4.68
CA GLU D 88 2.92 25.38 3.98
C GLU D 88 1.85 24.50 4.59
N ILE D 89 1.12 23.77 3.76
CA ILE D 89 0.09 22.87 4.25
C ILE D 89 0.09 21.56 3.46
N SER D 90 -0.22 20.45 4.11
CA SER D 90 -0.38 19.20 3.39
C SER D 90 -1.62 19.21 2.49
N PRO D 91 -1.48 18.75 1.22
CA PRO D 91 -2.62 18.76 0.31
C PRO D 91 -3.79 17.87 0.78
N ASP D 92 -3.53 16.91 1.65
CA ASP D 92 -4.60 16.05 2.11
C ASP D 92 -5.34 16.66 3.32
N GLU D 93 -4.96 17.84 3.76
CA GLU D 93 -5.69 18.53 4.84
C GLU D 93 -6.62 19.62 4.33
N ILE D 94 -6.56 19.88 3.04
CA ILE D 94 -7.35 20.95 2.45
C ILE D 94 -8.02 20.42 1.19
N TRP D 95 -9.03 21.13 0.70
CA TRP D 95 -9.66 20.80 -0.56
C TRP D 95 -8.60 20.93 -1.66
N THR D 96 -8.59 20.02 -2.62
CA THR D 96 -7.76 20.15 -3.82
C THR D 96 -8.62 19.78 -5.03
N PRO D 97 -8.28 20.32 -6.22
CA PRO D 97 -9.07 20.04 -7.43
C PRO D 97 -8.99 18.56 -7.75
N ASP D 98 -10.10 17.90 -8.10
CA ASP D 98 -10.08 16.46 -8.40
C ASP D 98 -9.70 16.29 -9.88
N ILE D 99 -8.60 16.91 -10.27
CA ILE D 99 -8.22 16.90 -11.68
C ILE D 99 -7.53 15.58 -11.97
N LYS D 100 -8.11 14.79 -12.88
CA LYS D 100 -7.62 13.44 -13.15
C LYS D 100 -7.08 13.31 -14.58
N LEU D 101 -6.18 12.34 -14.78
CA LEU D 101 -5.77 11.98 -16.13
C LEU D 101 -6.83 11.04 -16.64
N PHE D 102 -7.76 11.60 -17.41
CA PHE D 102 -8.94 10.89 -17.94
C PHE D 102 -8.57 9.61 -18.69
N ASN D 103 -7.54 9.71 -19.53
CA ASN D 103 -7.15 8.61 -20.44
C ASN D 103 -5.95 7.79 -19.93
N SER D 104 -5.73 7.83 -18.63
CA SER D 104 -4.71 7.01 -17.96
C SER D 104 -4.98 5.54 -18.30
N VAL D 105 -3.92 4.77 -18.55
CA VAL D 105 -4.04 3.31 -18.74
C VAL D 105 -4.21 2.61 -17.37
N ASP D 106 -3.62 3.23 -16.34
CA ASP D 106 -3.89 2.86 -14.93
C ASP D 106 -5.12 3.62 -14.42
N LEU D 107 -5.40 3.52 -13.11
CA LEU D 107 -6.63 4.14 -12.59
C LEU D 107 -6.57 5.64 -12.82
N ASP D 108 -5.37 6.20 -12.69
CA ASP D 108 -5.16 7.64 -12.80
C ASP D 108 -3.66 7.85 -12.89
N MET D 109 -3.23 9.03 -13.27
CA MET D 109 -1.87 9.43 -12.96
C MET D 109 -1.71 9.43 -11.42
N THR D 110 -0.48 9.23 -10.95
CA THR D 110 -0.23 9.35 -9.53
C THR D 110 0.49 10.67 -9.25
N LEU D 111 0.08 11.33 -8.18
CA LEU D 111 0.74 12.57 -7.77
C LEU D 111 1.36 12.29 -6.42
N ASP D 112 2.49 12.90 -6.14
CA ASP D 112 3.07 12.73 -4.82
C ASP D 112 2.38 13.66 -3.82
N ARG D 113 1.43 13.10 -3.09
CA ARG D 113 0.62 13.88 -2.16
C ARG D 113 1.29 14.09 -0.79
N THR D 114 2.51 13.57 -0.64
CA THR D 114 3.34 13.93 0.51
C THR D 114 3.97 15.31 0.34
N THR D 115 4.03 15.84 -0.89
CA THR D 115 4.63 17.16 -1.09
C THR D 115 3.69 18.25 -0.64
N GLN D 116 4.25 19.26 0.04
CA GLN D 116 3.38 20.30 0.63
C GLN D 116 2.94 21.34 -0.41
N ALA D 117 1.76 21.91 -0.17
CA ALA D 117 1.27 23.08 -0.88
C ALA D 117 1.65 24.34 -0.08
N ILE D 118 1.70 25.48 -0.76
CA ILE D 118 1.92 26.78 -0.13
C ILE D 118 0.61 27.54 -0.26
N VAL D 119 0.09 28.04 0.86
CA VAL D 119 -1.09 28.92 0.86
C VAL D 119 -0.67 30.35 1.24
N PHE D 120 -1.08 31.32 0.44
CA PHE D 120 -0.78 32.72 0.70
C PHE D 120 -1.93 33.37 1.46
N SER D 121 -1.67 34.46 2.18
CA SER D 121 -2.70 35.06 3.04
C SER D 121 -3.99 35.40 2.31
N ASN D 122 -3.91 35.64 1.00
CA ASN D 122 -5.14 35.96 0.25
C ASN D 122 -5.92 34.72 -0.23
N GLY D 123 -5.46 33.54 0.17
CA GLY D 123 -6.15 32.32 -0.17
C GLY D 123 -5.60 31.59 -1.38
N THR D 124 -4.64 32.20 -2.07
CA THR D 124 -4.05 31.55 -3.24
C THR D 124 -3.22 30.35 -2.82
N VAL D 125 -3.55 29.18 -3.37
CA VAL D 125 -2.79 27.96 -3.09
C VAL D 125 -1.88 27.62 -4.30
N LEU D 126 -0.64 27.22 -4.03
CA LEU D 126 0.28 26.77 -5.07
C LEU D 126 0.79 25.40 -4.66
N TRP D 127 0.54 24.39 -5.49
CA TRP D 127 0.88 23.01 -5.17
C TRP D 127 1.53 22.42 -6.42
N ILE D 128 2.74 21.89 -6.27
CA ILE D 128 3.56 21.48 -7.43
C ILE D 128 4.08 20.04 -7.23
N PRO D 129 3.17 19.06 -7.26
CA PRO D 129 3.58 17.68 -7.01
C PRO D 129 4.23 17.01 -8.23
N PRO D 130 5.26 16.17 -7.98
CA PRO D 130 5.77 15.26 -9.00
C PRO D 130 4.65 14.32 -9.41
N ALA D 131 4.72 13.79 -10.62
CA ALA D 131 3.61 12.99 -11.09
C ALA D 131 4.14 11.89 -12.01
N VAL D 132 3.48 10.74 -12.01
CA VAL D 132 3.77 9.66 -12.95
C VAL D 132 2.50 9.42 -13.80
N LEU D 133 2.67 9.48 -15.12
CA LEU D 133 1.58 9.45 -16.09
C LEU D 133 1.77 8.31 -17.07
N LYS D 134 0.72 7.51 -17.27
CA LYS D 134 0.78 6.35 -18.15
C LYS D 134 -0.35 6.41 -19.17
N VAL D 135 -0.01 6.51 -20.46
CA VAL D 135 -1.04 6.66 -21.48
C VAL D 135 -0.74 5.79 -22.72
N LEU D 136 -1.74 5.62 -23.57
CA LEU D 136 -1.61 4.79 -24.76
C LEU D 136 -1.13 5.69 -25.89
N CYS D 137 -0.02 5.34 -26.53
CA CYS D 137 0.54 6.15 -27.62
C CYS D 137 0.40 5.40 -28.95
N VAL D 138 0.54 6.13 -30.06
CA VAL D 138 0.67 5.49 -31.37
C VAL D 138 2.14 5.63 -31.76
N SER D 139 2.74 4.50 -32.09
CA SER D 139 4.16 4.46 -32.42
C SER D 139 4.25 4.02 -33.84
N GLN D 140 4.41 4.99 -34.75
CA GLN D 140 4.50 4.73 -36.19
C GLN D 140 5.55 5.61 -36.84
N ASP D 141 6.31 5.04 -37.78
CA ASP D 141 7.19 5.83 -38.62
C ASP D 141 8.23 6.59 -37.79
N ASP D 142 8.77 5.90 -36.78
CA ASP D 142 9.78 6.44 -35.87
C ASP D 142 9.32 7.65 -35.07
N VAL D 143 8.01 7.76 -34.86
CA VAL D 143 7.47 8.79 -33.99
C VAL D 143 6.48 8.22 -32.98
N ASP D 144 6.67 8.56 -31.71
CA ASP D 144 5.71 8.22 -30.67
C ASP D 144 4.80 9.39 -30.37
N SER D 145 3.51 9.21 -30.62
CA SER D 145 2.53 10.28 -30.44
C SER D 145 1.64 9.93 -29.29
N CYS D 146 1.64 10.75 -28.26
CA CYS D 146 0.85 10.45 -27.06
C CYS D 146 -0.05 11.64 -26.74
N HIS D 147 -1.26 11.36 -26.23
N HIS D 147 -1.26 11.36 -26.27
CA HIS D 147 -2.18 12.43 -25.83
CA HIS D 147 -2.16 12.41 -25.82
C HIS D 147 -2.58 12.33 -24.36
C HIS D 147 -2.26 12.37 -24.29
N PHE D 148 -2.66 13.48 -23.68
CA PHE D 148 -2.99 13.53 -22.26
C PHE D 148 -4.26 14.37 -22.07
N GLN D 149 -5.24 13.84 -21.37
CA GLN D 149 -6.47 14.56 -21.22
C GLN D 149 -6.75 14.76 -19.74
N PHE D 150 -6.82 16.00 -19.29
CA PHE D 150 -6.97 16.25 -17.86
C PHE D 150 -8.27 16.98 -17.61
N GLY D 151 -8.94 16.67 -16.51
CA GLY D 151 -10.11 17.45 -16.12
C GLY D 151 -10.62 17.09 -14.74
N SER D 152 -11.42 17.99 -14.15
CA SER D 152 -12.13 17.65 -12.91
C SER D 152 -13.06 16.47 -13.16
N TRP D 153 -13.03 15.53 -12.24
CA TRP D 153 -13.88 14.37 -12.40
C TRP D 153 -15.34 14.72 -12.19
N VAL D 154 -15.66 15.43 -11.09
CA VAL D 154 -17.07 15.61 -10.78
C VAL D 154 -17.58 17.06 -10.94
N TYR D 155 -16.68 18.02 -11.19
CA TYR D 155 -17.08 19.43 -11.24
C TYR D 155 -17.18 20.00 -12.65
N SER D 156 -18.35 20.54 -13.00
CA SER D 156 -18.59 21.11 -14.32
C SER D 156 -17.99 22.51 -14.41
N VAL D 157 -18.06 23.10 -15.60
CA VAL D 157 -17.39 24.35 -15.89
C VAL D 157 -17.87 25.49 -14.98
N ASP D 158 -19.09 25.36 -14.48
CA ASP D 158 -19.67 26.38 -13.62
C ASP D 158 -19.12 26.26 -12.21
N GLU D 159 -18.49 25.13 -11.93
CA GLU D 159 -17.97 24.86 -10.59
C GLU D 159 -16.44 24.90 -10.49
N VAL D 160 -15.78 24.21 -11.41
CA VAL D 160 -14.33 24.26 -11.52
C VAL D 160 -13.93 24.54 -12.95
N ASP D 161 -13.18 25.60 -13.15
CA ASP D 161 -12.70 25.96 -14.46
C ASP D 161 -11.22 25.66 -14.44
N ILE D 162 -10.62 25.45 -15.61
CA ILE D 162 -9.18 25.21 -15.72
C ILE D 162 -8.62 26.02 -16.86
N HIS D 163 -7.48 26.65 -16.62
CA HIS D 163 -6.71 27.35 -17.62
C HIS D 163 -5.23 27.00 -17.56
N PHE D 164 -4.59 27.09 -18.71
CA PHE D 164 -3.16 26.82 -18.83
C PHE D 164 -2.33 27.78 -18.02
N MET D 165 -1.42 27.24 -17.20
CA MET D 165 -0.58 28.12 -16.41
C MET D 165 0.35 28.94 -17.32
N ASP D 166 0.57 30.20 -16.94
CA ASP D 166 1.36 31.15 -17.73
C ASP D 166 0.84 31.31 -19.14
N ASP D 167 -0.40 30.89 -19.37
CA ASP D 167 -1.06 30.98 -20.70
C ASP D 167 -0.38 30.16 -21.77
N LYS D 168 0.42 29.18 -21.37
CA LYS D 168 1.13 28.37 -22.35
C LYS D 168 0.36 27.10 -22.65
N ALA D 169 -0.20 27.04 -23.86
CA ALA D 169 -0.93 25.86 -24.31
C ALA D 169 0.01 24.80 -24.88
N GLU D 170 0.84 24.25 -24.01
CA GLU D 170 1.82 23.25 -24.42
C GLU D 170 2.38 22.55 -23.19
N VAL D 171 2.96 21.37 -23.41
CA VAL D 171 3.76 20.74 -22.40
C VAL D 171 4.94 21.66 -22.09
N LEU D 172 5.14 21.96 -20.82
CA LEU D 172 6.20 22.88 -20.39
C LEU D 172 7.54 22.17 -20.26
N LEU D 173 8.62 22.85 -20.59
CA LEU D 173 9.91 22.19 -20.63
C LEU D 173 10.87 22.77 -19.59
N ASP D 174 10.33 23.49 -18.61
CA ASP D 174 11.12 24.13 -17.56
C ASP D 174 11.81 23.12 -16.63
N PHE D 175 11.33 21.89 -16.61
CA PHE D 175 11.96 20.83 -15.83
C PHE D 175 12.48 19.70 -16.73
N TYR D 176 12.50 19.92 -18.03
CA TYR D 176 12.85 18.81 -18.93
C TYR D 176 14.33 18.43 -18.81
N GLN D 177 14.59 17.17 -18.45
CA GLN D 177 15.95 16.65 -18.40
C GLN D 177 16.09 15.31 -19.13
N ASP D 178 15.53 15.21 -20.32
CA ASP D 178 15.74 14.00 -21.11
C ASP D 178 16.42 14.38 -22.45
N SER D 179 16.77 13.39 -23.26
CA SER D 179 17.50 13.66 -24.48
C SER D 179 16.61 13.48 -25.72
N LEU D 180 15.35 13.13 -25.49
CA LEU D 180 14.42 12.85 -26.56
C LEU D 180 14.10 14.08 -27.36
N GLU D 181 14.00 13.91 -28.67
CA GLU D 181 13.63 15.03 -29.52
C GLU D 181 12.12 15.19 -29.55
N ILE D 182 11.67 16.37 -29.14
CA ILE D 182 10.27 16.68 -29.12
C ILE D 182 9.88 17.16 -30.51
N LEU D 183 8.92 16.50 -31.11
CA LEU D 183 8.59 16.73 -32.52
C LEU D 183 7.28 17.51 -32.65
N GLU D 184 6.38 17.29 -31.69
CA GLU D 184 5.13 18.03 -31.61
C GLU D 184 4.76 18.23 -30.15
N ASN D 185 4.18 19.39 -29.85
CA ASN D 185 3.88 19.76 -28.48
C ASN D 185 2.88 20.89 -28.52
N SER D 186 1.60 20.53 -28.33
CA SER D 186 0.53 21.50 -28.41
C SER D 186 -0.54 21.07 -27.44
N ALA D 187 -1.47 21.96 -27.15
CA ALA D 187 -2.56 21.62 -26.24
C ALA D 187 -3.79 22.49 -26.48
N GLN D 188 -4.92 22.03 -25.94
CA GLN D 188 -6.19 22.72 -26.13
C GLN D 188 -7.03 22.62 -24.84
N ARG D 189 -7.68 23.72 -24.50
CA ARG D 189 -8.68 23.73 -23.43
C ARG D 189 -10.02 23.65 -24.13
N GLN D 190 -10.82 22.67 -23.75
CA GLN D 190 -12.16 22.56 -24.31
C GLN D 190 -13.19 22.42 -23.20
N GLU D 191 -14.42 22.82 -23.52
CA GLU D 191 -15.55 22.56 -22.64
C GLU D 191 -16.35 21.41 -23.25
N VAL D 192 -16.34 20.28 -22.57
CA VAL D 192 -16.80 19.01 -23.14
C VAL D 192 -18.08 18.51 -22.47
N VAL D 193 -19.05 18.08 -23.29
CA VAL D 193 -20.22 17.34 -22.79
C VAL D 193 -20.08 15.82 -23.03
N TYR D 194 -20.19 15.02 -21.97
CA TYR D 194 -20.00 13.56 -22.09
C TYR D 194 -21.36 12.86 -22.12
N PRO D 195 -21.47 11.74 -22.86
CA PRO D 195 -22.76 11.06 -23.05
C PRO D 195 -23.48 10.69 -21.74
N CYS D 196 -22.73 10.43 -20.67
CA CYS D 196 -23.34 10.02 -19.42
C CYS D 196 -24.12 11.14 -18.73
N CYS D 197 -23.72 12.39 -18.99
CA CYS D 197 -24.12 13.51 -18.13
C CYS D 197 -24.38 14.80 -18.93
N GLU D 198 -25.16 15.71 -18.36
CA GLU D 198 -25.64 16.87 -19.14
C GLU D 198 -24.77 18.14 -19.08
N SER D 199 -24.05 18.33 -17.98
CA SER D 199 -23.22 19.53 -17.84
C SER D 199 -21.92 19.46 -18.65
N ALA D 200 -21.32 20.62 -18.91
CA ALA D 200 -20.04 20.67 -19.65
C ALA D 200 -18.86 20.73 -18.67
N TYR D 201 -17.85 19.91 -18.94
CA TYR D 201 -16.69 19.82 -18.08
C TYR D 201 -15.47 20.35 -18.83
N VAL D 202 -14.60 21.12 -18.15
CA VAL D 202 -13.39 21.58 -18.78
C VAL D 202 -12.42 20.42 -18.96
N GLU D 203 -11.91 20.27 -20.18
CA GLU D 203 -10.88 19.29 -20.48
C GLU D 203 -9.64 20.00 -21.05
N MET D 204 -8.45 19.70 -20.51
CA MET D 204 -7.20 20.16 -21.12
C MET D 204 -6.55 19.00 -21.87
N LYS D 205 -6.39 19.14 -23.18
CA LYS D 205 -5.88 18.03 -24.01
C LYS D 205 -4.52 18.37 -24.60
N TYR D 206 -3.52 17.60 -24.20
CA TYR D 206 -2.16 17.80 -24.67
C TYR D 206 -1.81 16.78 -25.75
N LEU D 207 -1.12 17.23 -26.78
CA LEU D 207 -0.56 16.32 -27.79
C LEU D 207 0.95 16.46 -27.76
N LEU D 208 1.62 15.34 -27.52
CA LEU D 208 3.08 15.31 -27.46
C LEU D 208 3.59 14.26 -28.40
N ALA D 209 4.62 14.59 -29.17
CA ALA D 209 5.20 13.60 -30.09
C ALA D 209 6.71 13.59 -30.01
N LEU D 210 7.27 12.38 -29.85
CA LEU D 210 8.69 12.21 -29.62
C LEU D 210 9.29 11.40 -30.72
N ARG D 211 10.51 11.76 -31.12
CA ARG D 211 11.28 10.90 -31.97
C ARG D 211 11.53 9.61 -31.20
N SER D 212 11.36 8.49 -31.86
CA SER D 212 11.51 7.21 -31.19
C SER D 212 12.99 6.89 -31.04
N GLU D 213 13.34 6.18 -29.98
CA GLU D 213 14.71 5.66 -29.83
C GLU D 213 14.86 4.29 -30.47
N ASN E 2 -24.92 29.18 -0.02
CA ASN E 2 -23.81 29.48 0.88
C ASN E 2 -22.94 28.27 1.16
N GLY E 3 -21.63 28.45 1.11
CA GLY E 3 -20.70 27.32 1.12
C GLY E 3 -20.68 26.57 2.43
N LEU E 4 -20.70 27.33 3.53
CA LEU E 4 -20.72 26.75 4.86
C LEU E 4 -21.94 25.88 5.10
N MET E 5 -23.11 26.35 4.68
CA MET E 5 -24.32 25.57 4.72
C MET E 5 -24.20 24.27 3.88
N ALA E 6 -23.61 24.35 2.69
CA ALA E 6 -23.39 23.12 1.91
C ALA E 6 -22.56 22.13 2.72
N LYS E 7 -21.57 22.63 3.48
CA LYS E 7 -20.73 21.74 4.26
C LYS E 7 -21.47 21.19 5.49
N ARG E 8 -22.22 22.04 6.17
CA ARG E 8 -23.02 21.59 7.30
C ARG E 8 -24.05 20.53 6.88
N LEU E 9 -24.62 20.70 5.69
CA LEU E 9 -25.52 19.67 5.14
C LEU E 9 -24.84 18.31 5.06
N ARG E 10 -23.70 18.26 4.40
CA ARG E 10 -22.92 17.03 4.29
C ARG E 10 -22.63 16.43 5.66
N ARG E 11 -22.23 17.26 6.63
CA ARG E 11 -21.94 16.77 7.98
C ARG E 11 -23.18 16.18 8.63
N GLU E 12 -24.32 16.86 8.48
CA GLU E 12 -25.56 16.40 9.09
C GLU E 12 -25.99 15.07 8.48
N LEU E 13 -25.85 14.94 7.16
CA LEU E 13 -26.22 13.73 6.45
C LEU E 13 -25.32 12.55 6.83
N LEU E 14 -24.03 12.83 6.98
CA LEU E 14 -23.07 11.76 7.21
C LEU E 14 -22.97 11.39 8.70
N ASN E 15 -23.60 12.17 9.56
CA ASN E 15 -23.57 11.86 10.99
C ASN E 15 -24.03 10.42 11.32
N THR E 16 -25.06 9.95 10.63
CA THR E 16 -25.56 8.59 10.84
C THR E 16 -24.48 7.56 10.52
N TYR E 17 -23.82 7.75 9.39
CA TYR E 17 -22.76 6.83 8.97
C TYR E 17 -21.55 6.89 9.89
N GLU E 18 -21.33 8.05 10.49
CA GLU E 18 -20.19 8.22 11.36
C GLU E 18 -20.43 7.53 12.68
N GLN E 19 -21.64 7.69 13.20
CA GLN E 19 -21.97 7.12 14.50
C GLN E 19 -22.16 5.61 14.41
N LEU E 20 -22.63 5.13 13.25
CA LEU E 20 -23.13 3.76 13.17
C LEU E 20 -22.35 2.89 12.23
N GLY E 21 -21.47 3.49 11.44
CA GLY E 21 -20.67 2.72 10.50
C GLY E 21 -21.40 2.59 9.19
N LYS E 22 -20.67 2.16 8.17
CA LYS E 22 -21.22 2.08 6.81
C LYS E 22 -21.71 0.69 6.46
N SER E 23 -21.61 -0.28 7.36
CA SER E 23 -22.11 -1.61 7.03
C SER E 23 -23.63 -1.66 7.08
N GLY E 24 -24.21 -2.59 6.34
CA GLY E 24 -25.66 -2.72 6.35
C GLY E 24 -26.32 -1.92 5.22
N LEU E 25 -27.44 -2.45 4.74
CA LEU E 25 -28.17 -1.83 3.66
C LEU E 25 -28.55 -0.41 4.07
N PRO E 26 -28.52 0.53 3.13
CA PRO E 26 -28.74 1.95 3.41
C PRO E 26 -30.24 2.29 3.63
N PHE E 27 -30.79 1.81 4.74
CA PHE E 27 -32.16 2.17 5.14
C PHE E 27 -32.13 2.40 6.64
N LEU E 28 -32.89 3.40 7.10
CA LEU E 28 -33.10 3.63 8.53
C LEU E 28 -34.44 3.12 9.00
N ASP E 29 -35.44 3.19 8.14
CA ASP E 29 -36.75 2.64 8.47
C ASP E 29 -36.78 1.21 7.92
N ASP E 30 -37.89 0.84 7.28
CA ASP E 30 -38.04 -0.51 6.77
C ASP E 30 -36.86 -0.79 5.87
N ILE E 31 -36.23 -1.95 6.10
CA ILE E 31 -35.12 -2.38 5.26
C ILE E 31 -35.69 -2.86 3.94
N GLY E 32 -35.31 -2.20 2.85
CA GLY E 32 -35.88 -2.54 1.57
C GLY E 32 -34.83 -3.21 0.73
N LYS E 33 -34.95 -3.00 -0.57
CA LYS E 33 -34.07 -3.58 -1.57
C LYS E 33 -33.35 -2.43 -2.22
N VAL E 34 -32.04 -2.55 -2.41
CA VAL E 34 -31.29 -1.59 -3.17
C VAL E 34 -31.29 -2.10 -4.61
N ASP E 35 -31.43 -1.21 -5.59
CA ASP E 35 -31.35 -1.62 -7.00
C ASP E 35 -30.22 -0.86 -7.68
N VAL E 36 -29.11 -1.54 -7.91
CA VAL E 36 -27.94 -0.87 -8.45
C VAL E 36 -28.00 -0.83 -9.96
N LYS E 37 -27.95 0.36 -10.55
CA LYS E 37 -27.74 0.43 -12.00
C LYS E 37 -26.23 0.38 -12.28
N PHE E 38 -25.81 -0.55 -13.14
CA PHE E 38 -24.40 -0.82 -13.35
C PHE E 38 -24.06 -0.64 -14.83
N GLY E 39 -23.05 0.15 -15.13
CA GLY E 39 -22.63 0.31 -16.52
C GLY E 39 -21.14 0.02 -16.64
N LEU E 40 -20.72 -0.70 -17.67
CA LEU E 40 -19.33 -0.98 -17.84
C LEU E 40 -18.87 -0.27 -19.12
N SER E 41 -18.11 0.79 -18.95
CA SER E 41 -17.62 1.53 -20.11
C SER E 41 -16.15 1.27 -20.40
N LEU E 42 -15.88 0.46 -21.41
CA LEU E 42 -14.51 0.15 -21.80
C LEU E 42 -13.79 1.41 -22.29
N GLN E 43 -12.60 1.66 -21.76
CA GLN E 43 -11.80 2.76 -22.29
C GLN E 43 -10.70 2.26 -23.23
N LEU E 44 -9.85 1.36 -22.75
CA LEU E 44 -8.77 0.81 -23.55
C LEU E 44 -8.30 -0.54 -23.03
N LEU E 45 -7.50 -1.21 -23.86
CA LEU E 45 -6.81 -2.43 -23.48
C LEU E 45 -5.40 -2.08 -23.01
N LYS E 46 -5.04 -2.53 -21.82
CA LYS E 46 -3.67 -2.33 -21.38
C LYS E 46 -2.77 -3.40 -22.02
N SER E 47 -3.16 -4.66 -21.90
CA SER E 47 -2.39 -5.72 -22.54
C SER E 47 -3.19 -7.00 -22.57
N ILE E 48 -2.86 -7.87 -23.52
CA ILE E 48 -3.35 -9.23 -23.51
C ILE E 48 -2.10 -10.08 -23.57
N GLU E 49 -1.87 -10.89 -22.56
CA GLU E 49 -0.63 -11.65 -22.50
C GLU E 49 -0.89 -13.15 -22.43
N GLN E 50 -0.29 -13.87 -23.36
CA GLN E 50 -0.54 -15.30 -23.46
C GLN E 50 -0.09 -16.00 -22.19
N ARG E 51 -0.89 -16.95 -21.72
CA ARG E 51 -0.50 -17.76 -20.57
C ARG E 51 0.23 -19.01 -21.04
N GLY E 52 1.47 -19.16 -20.60
CA GLY E 52 2.32 -20.25 -21.07
C GLY E 52 2.35 -20.29 -22.59
N MET E 53 2.25 -21.49 -23.16
CA MET E 53 2.13 -21.60 -24.61
C MET E 53 0.75 -22.10 -25.04
N GLY E 54 -0.26 -21.90 -24.19
CA GLY E 54 -1.60 -22.39 -24.49
C GLY E 54 -2.48 -21.38 -25.18
N PHE E 55 -3.78 -21.66 -25.21
CA PHE E 55 -4.75 -20.80 -25.90
C PHE E 55 -5.31 -19.70 -25.02
N ASN E 56 -4.94 -19.67 -23.74
CA ASN E 56 -5.53 -18.68 -22.87
C ASN E 56 -4.56 -17.52 -22.68
N SER E 57 -5.11 -16.38 -22.26
CA SER E 57 -4.27 -15.23 -22.00
C SER E 57 -4.85 -14.38 -20.85
N ILE E 58 -4.02 -13.55 -20.23
CA ILE E 58 -4.49 -12.59 -19.23
C ILE E 58 -4.72 -11.24 -19.93
N GLY E 59 -5.96 -10.77 -19.90
CA GLY E 59 -6.32 -9.51 -20.52
C GLY E 59 -6.46 -8.45 -19.43
N THR E 60 -5.75 -7.33 -19.57
CA THR E 60 -5.82 -6.23 -18.61
C THR E 60 -6.48 -5.03 -19.29
N PHE E 61 -7.58 -4.55 -18.73
CA PHE E 61 -8.40 -3.51 -19.35
C PHE E 61 -8.51 -2.29 -18.46
N LYS E 62 -8.66 -1.12 -19.09
CA LYS E 62 -8.95 0.10 -18.36
C LYS E 62 -10.38 0.45 -18.70
N ALA E 63 -11.20 0.64 -17.67
CA ALA E 63 -12.58 0.99 -17.90
C ALA E 63 -13.05 2.07 -16.92
N ILE E 64 -14.27 2.55 -17.15
CA ILE E 64 -14.97 3.40 -16.18
C ILE E 64 -16.21 2.61 -15.79
N VAL E 65 -16.40 2.39 -14.49
CA VAL E 65 -17.55 1.66 -13.99
C VAL E 65 -18.56 2.70 -13.50
N LYS E 66 -19.79 2.63 -13.98
CA LYS E 66 -20.83 3.59 -13.60
C LYS E 66 -21.79 2.88 -12.65
N LEU E 67 -22.03 3.49 -11.49
CA LEU E 67 -22.91 2.90 -10.49
C LEU E 67 -23.90 3.94 -10.02
N SER E 68 -25.19 3.57 -9.92
CA SER E 68 -26.14 4.43 -9.27
C SER E 68 -27.11 3.60 -8.40
N TRP E 69 -27.50 4.15 -7.25
CA TRP E 69 -28.44 3.46 -6.35
C TRP E 69 -29.04 4.55 -5.43
N VAL E 70 -30.06 4.20 -4.65
CA VAL E 70 -30.68 5.15 -3.74
C VAL E 70 -30.21 4.85 -2.32
N ASP E 71 -29.77 5.90 -1.62
CA ASP E 71 -29.42 5.77 -0.22
C ASP E 71 -30.41 6.67 0.53
N THR E 72 -31.40 6.06 1.20
CA THR E 72 -32.45 6.82 1.83
C THR E 72 -31.91 7.58 3.03
N ILE E 73 -30.75 7.16 3.53
CA ILE E 73 -30.14 7.85 4.66
C ILE E 73 -29.65 9.22 4.22
N LEU E 74 -29.33 9.37 2.93
CA LEU E 74 -28.71 10.61 2.46
C LEU E 74 -29.70 11.60 1.85
N ARG E 75 -30.99 11.50 2.17
CA ARG E 75 -31.99 12.41 1.60
C ARG E 75 -32.14 13.73 2.36
N TRP E 76 -32.39 14.83 1.64
CA TRP E 76 -32.78 16.07 2.30
C TRP E 76 -33.84 16.87 1.51
N ASP E 77 -34.66 17.61 2.24
CA ASP E 77 -35.56 18.59 1.65
C ASP E 77 -34.73 19.78 1.22
N PRO E 78 -34.64 20.02 -0.09
CA PRO E 78 -33.87 21.17 -0.61
C PRO E 78 -34.49 22.57 -0.32
N GLU E 79 -35.21 22.73 0.78
CA GLU E 79 -35.66 24.07 1.23
C GLU E 79 -34.50 24.83 1.86
N PRO E 80 -34.40 26.14 1.60
CA PRO E 80 -33.38 27.00 2.22
C PRO E 80 -33.33 26.83 3.75
N PRO E 81 -32.13 26.91 4.35
CA PRO E 81 -30.83 27.22 3.73
C PRO E 81 -30.14 26.00 3.13
N PHE E 82 -30.85 24.88 3.01
CA PHE E 82 -30.23 23.71 2.37
C PHE E 82 -30.68 23.51 0.94
N ASP E 83 -30.85 24.60 0.20
CA ASP E 83 -31.34 24.47 -1.17
C ASP E 83 -30.21 24.07 -2.10
N PHE E 84 -29.76 22.84 -1.95
CA PHE E 84 -28.75 22.25 -2.80
C PHE E 84 -29.39 21.07 -3.54
N GLN E 85 -29.15 20.98 -4.84
CA GLN E 85 -29.70 19.89 -5.63
C GLN E 85 -28.92 18.61 -5.40
N LYS E 86 -27.65 18.77 -5.08
CA LYS E 86 -26.75 17.63 -4.99
C LYS E 86 -25.58 18.03 -4.11
N ILE E 87 -24.90 17.05 -3.55
CA ILE E 87 -23.63 17.34 -2.88
C ILE E 87 -22.62 16.28 -3.29
N GLU E 88 -21.34 16.61 -3.27
CA GLU E 88 -20.34 15.59 -3.58
C GLU E 88 -19.86 14.93 -2.27
N ILE E 89 -19.68 13.62 -2.30
CA ILE E 89 -19.29 12.85 -1.12
C ILE E 89 -18.29 11.78 -1.52
N SER E 90 -17.32 11.51 -0.64
CA SER E 90 -16.37 10.41 -0.84
C SER E 90 -17.02 9.05 -0.58
N PRO E 91 -16.79 8.09 -1.47
CA PRO E 91 -17.42 6.77 -1.40
C PRO E 91 -17.02 6.00 -0.16
N ASP E 92 -15.91 6.36 0.46
CA ASP E 92 -15.50 5.67 1.68
C ASP E 92 -16.17 6.25 2.93
N GLU E 93 -17.05 7.25 2.76
CA GLU E 93 -17.79 7.78 3.92
C GLU E 93 -19.25 7.33 3.93
N ILE E 94 -19.63 6.57 2.91
CA ILE E 94 -21.00 6.08 2.77
C ILE E 94 -20.99 4.58 2.45
N TRP E 95 -22.16 3.97 2.55
CA TRP E 95 -22.34 2.61 2.08
C TRP E 95 -22.15 2.63 0.58
N THR E 96 -21.51 1.59 0.07
CA THR E 96 -21.46 1.39 -1.38
C THR E 96 -21.65 -0.09 -1.65
N PRO E 97 -22.19 -0.41 -2.82
CA PRO E 97 -22.46 -1.85 -3.02
C PRO E 97 -21.15 -2.66 -3.13
N ASP E 98 -21.12 -3.89 -2.62
CA ASP E 98 -19.90 -4.67 -2.62
C ASP E 98 -19.82 -5.46 -3.95
N ILE E 99 -19.93 -4.75 -5.07
CA ILE E 99 -19.93 -5.44 -6.36
C ILE E 99 -18.52 -5.75 -6.77
N LYS E 100 -18.21 -7.03 -6.96
CA LYS E 100 -16.85 -7.45 -7.26
C LYS E 100 -16.80 -8.05 -8.65
N LEU E 101 -15.64 -8.00 -9.28
CA LEU E 101 -15.42 -8.77 -10.52
C LEU E 101 -15.04 -10.18 -10.04
N PHE E 102 -16.04 -11.07 -10.10
N PHE E 102 -16.01 -11.10 -10.08
CA PHE E 102 -15.99 -12.44 -9.62
CA PHE E 102 -15.83 -12.45 -9.53
C PHE E 102 -14.82 -13.25 -10.20
C PHE E 102 -14.69 -13.22 -10.17
N ASN E 103 -14.56 -13.06 -11.48
CA ASN E 103 -13.59 -13.89 -12.23
C ASN E 103 -12.30 -13.14 -12.48
N SER E 104 -12.04 -12.11 -11.67
CA SER E 104 -10.76 -11.40 -11.71
C SER E 104 -9.59 -12.37 -11.50
N VAL E 105 -8.49 -12.19 -12.25
CA VAL E 105 -7.29 -13.00 -12.06
C VAL E 105 -6.55 -12.55 -10.79
N ASP E 106 -6.77 -11.28 -10.41
CA ASP E 106 -6.32 -10.68 -9.14
C ASP E 106 -7.40 -10.84 -8.10
N LEU E 107 -7.14 -10.38 -6.86
CA LEU E 107 -8.19 -10.39 -5.82
C LEU E 107 -9.55 -9.88 -6.31
N ASP E 108 -9.53 -8.78 -7.06
CA ASP E 108 -10.76 -8.15 -7.58
C ASP E 108 -10.30 -7.12 -8.61
N MET E 109 -11.23 -6.55 -9.34
CA MET E 109 -10.91 -5.34 -10.09
C MET E 109 -10.54 -4.28 -9.05
N THR E 110 -9.87 -3.22 -9.48
CA THR E 110 -9.58 -2.12 -8.57
C THR E 110 -10.40 -0.91 -9.05
N LEU E 111 -11.09 -0.24 -8.14
CA LEU E 111 -11.80 0.99 -8.46
C LEU E 111 -11.02 2.16 -7.83
N ASP E 112 -11.07 3.34 -8.43
CA ASP E 112 -10.38 4.45 -7.84
C ASP E 112 -11.37 5.05 -6.84
N ARG E 113 -11.19 4.69 -5.58
CA ARG E 113 -12.07 5.11 -4.51
C ARG E 113 -11.73 6.52 -4.01
N THR E 114 -10.75 7.19 -4.60
CA THR E 114 -10.53 8.62 -4.28
C THR E 114 -11.49 9.48 -5.10
N THR E 115 -12.14 8.90 -6.11
CA THR E 115 -13.02 9.73 -6.94
C THR E 115 -14.33 9.92 -6.18
N GLN E 116 -14.88 11.13 -6.20
CA GLN E 116 -16.09 11.44 -5.42
C GLN E 116 -17.36 10.89 -6.07
N ALA E 117 -18.33 10.56 -5.23
CA ALA E 117 -19.68 10.29 -5.68
C ALA E 117 -20.50 11.58 -5.62
N ILE E 118 -21.57 11.65 -6.41
CA ILE E 118 -22.51 12.76 -6.32
C ILE E 118 -23.78 12.17 -5.71
N VAL E 119 -24.35 12.87 -4.74
CA VAL E 119 -25.63 12.44 -4.16
C VAL E 119 -26.66 13.53 -4.38
N PHE E 120 -27.82 13.18 -4.92
CA PHE E 120 -28.86 14.17 -5.15
C PHE E 120 -29.79 14.22 -3.93
N SER E 121 -30.63 15.25 -3.86
CA SER E 121 -31.46 15.42 -2.68
C SER E 121 -32.44 14.28 -2.40
N ASN E 122 -32.84 13.55 -3.43
CA ASN E 122 -33.80 12.44 -3.25
C ASN E 122 -33.08 11.14 -2.83
N GLY E 123 -31.78 11.23 -2.60
CA GLY E 123 -31.00 10.09 -2.13
C GLY E 123 -30.33 9.28 -3.24
N THR E 124 -30.57 9.64 -4.50
CA THR E 124 -29.87 8.94 -5.57
C THR E 124 -28.40 9.29 -5.52
N VAL E 125 -27.58 8.24 -5.49
CA VAL E 125 -26.13 8.33 -5.58
C VAL E 125 -25.64 7.97 -6.97
N LEU E 126 -24.75 8.78 -7.50
CA LEU E 126 -24.10 8.47 -8.77
C LEU E 126 -22.57 8.48 -8.54
N TRP E 127 -21.93 7.33 -8.72
CA TRP E 127 -20.51 7.19 -8.54
C TRP E 127 -19.92 6.54 -9.79
N ILE E 128 -18.91 7.19 -10.39
CA ILE E 128 -18.37 6.76 -11.68
C ILE E 128 -16.85 6.59 -11.61
N PRO E 129 -16.39 5.55 -10.90
CA PRO E 129 -14.93 5.39 -10.72
C PRO E 129 -14.25 4.79 -11.93
N PRO E 130 -13.03 5.25 -12.24
CA PRO E 130 -12.15 4.49 -13.15
C PRO E 130 -11.87 3.13 -12.53
N ALA E 131 -11.60 2.15 -13.37
CA ALA E 131 -11.43 0.78 -12.89
C ALA E 131 -10.34 0.10 -13.70
N VAL E 132 -9.59 -0.82 -13.08
CA VAL E 132 -8.70 -1.71 -13.85
C VAL E 132 -9.22 -3.12 -13.66
N LEU E 133 -9.38 -3.85 -14.77
CA LEU E 133 -9.97 -5.20 -14.69
C LEU E 133 -9.01 -6.17 -15.38
N LYS E 134 -8.76 -7.31 -14.74
CA LYS E 134 -7.88 -8.33 -15.27
C LYS E 134 -8.58 -9.67 -15.26
N VAL E 135 -8.78 -10.25 -16.45
CA VAL E 135 -9.53 -11.50 -16.61
C VAL E 135 -8.82 -12.45 -17.58
N LEU E 136 -9.24 -13.71 -17.51
CA LEU E 136 -8.71 -14.76 -18.37
C LEU E 136 -9.47 -14.64 -19.67
N CYS E 137 -8.75 -14.61 -20.79
CA CYS E 137 -9.39 -14.57 -22.10
C CYS E 137 -8.97 -15.83 -22.85
N VAL E 138 -9.68 -16.13 -23.95
CA VAL E 138 -9.28 -17.19 -24.87
C VAL E 138 -8.82 -16.54 -26.16
N SER E 139 -7.63 -16.90 -26.60
CA SER E 139 -6.99 -16.22 -27.71
C SER E 139 -6.76 -17.25 -28.77
N GLN E 140 -7.69 -17.32 -29.73
CA GLN E 140 -7.71 -18.33 -30.79
C GLN E 140 -8.07 -17.71 -32.13
N ASP E 141 -7.34 -18.11 -33.17
CA ASP E 141 -7.61 -17.66 -34.53
C ASP E 141 -7.77 -16.15 -34.64
N ASP E 142 -6.86 -15.43 -34.00
CA ASP E 142 -6.79 -13.97 -34.11
C ASP E 142 -7.97 -13.26 -33.46
N VAL E 143 -8.65 -13.95 -32.55
CA VAL E 143 -9.71 -13.32 -31.78
C VAL E 143 -9.46 -13.58 -30.30
N ASP E 144 -9.53 -12.53 -29.48
CA ASP E 144 -9.42 -12.63 -28.04
C ASP E 144 -10.80 -12.45 -27.46
N SER E 145 -11.31 -13.49 -26.82
CA SER E 145 -12.63 -13.47 -26.17
C SER E 145 -12.47 -13.43 -24.66
N CYS E 146 -13.11 -12.48 -24.03
CA CYS E 146 -12.91 -12.23 -22.60
C CYS E 146 -14.27 -12.07 -21.97
N HIS E 147 -14.50 -12.70 -20.83
N HIS E 147 -14.47 -12.68 -20.82
CA HIS E 147 -15.77 -12.50 -20.14
CA HIS E 147 -15.71 -12.56 -20.08
C HIS E 147 -15.59 -11.87 -18.76
C HIS E 147 -15.48 -11.67 -18.85
N PHE E 148 -16.52 -11.00 -18.38
CA PHE E 148 -16.46 -10.26 -17.12
C PHE E 148 -17.73 -10.61 -16.33
N GLN E 149 -17.54 -11.14 -15.12
N GLN E 149 -17.55 -11.10 -15.11
CA GLN E 149 -18.68 -11.47 -14.26
CA GLN E 149 -18.66 -11.51 -14.26
C GLN E 149 -18.69 -10.54 -13.06
C GLN E 149 -18.73 -10.62 -13.01
N PHE E 150 -19.81 -9.85 -12.83
CA PHE E 150 -19.92 -8.97 -11.66
C PHE E 150 -21.14 -9.33 -10.80
N GLY E 151 -21.02 -9.15 -9.49
CA GLY E 151 -22.21 -9.27 -8.63
C GLY E 151 -21.88 -8.84 -7.22
N SER E 152 -22.90 -8.59 -6.40
CA SER E 152 -22.68 -8.32 -4.97
C SER E 152 -22.09 -9.59 -4.38
N TRP E 153 -21.10 -9.44 -3.53
CA TRP E 153 -20.50 -10.60 -2.89
C TRP E 153 -21.44 -11.26 -1.87
N VAL E 154 -22.03 -10.46 -0.99
CA VAL E 154 -22.74 -11.05 0.12
C VAL E 154 -24.26 -10.76 0.11
N TYR E 155 -24.75 -9.88 -0.75
CA TYR E 155 -26.18 -9.61 -0.79
C TYR E 155 -26.90 -10.35 -1.91
N SER E 156 -27.96 -11.05 -1.53
CA SER E 156 -28.86 -11.70 -2.48
C SER E 156 -29.79 -10.74 -3.21
N VAL E 157 -30.49 -11.26 -4.21
CA VAL E 157 -31.37 -10.46 -5.05
C VAL E 157 -32.47 -9.73 -4.23
N ASP E 158 -32.90 -10.30 -3.11
CA ASP E 158 -33.88 -9.62 -2.23
C ASP E 158 -33.31 -8.41 -1.47
N GLU E 159 -31.99 -8.26 -1.49
CA GLU E 159 -31.30 -7.21 -0.72
C GLU E 159 -30.65 -6.19 -1.64
N VAL E 160 -29.85 -6.68 -2.59
CA VAL E 160 -29.25 -5.82 -3.58
C VAL E 160 -29.49 -6.47 -4.95
N ASP E 161 -30.13 -5.72 -5.83
CA ASP E 161 -30.44 -6.17 -7.16
C ASP E 161 -29.51 -5.36 -8.04
N ILE E 162 -29.34 -5.79 -9.28
CA ILE E 162 -28.52 -5.06 -10.24
C ILE E 162 -29.23 -5.14 -11.58
N HIS E 163 -29.27 -4.01 -12.28
CA HIS E 163 -29.75 -3.98 -13.65
C HIS E 163 -28.75 -3.15 -14.46
N PHE E 164 -28.71 -3.39 -15.77
CA PHE E 164 -27.82 -2.62 -16.65
C PHE E 164 -28.25 -1.16 -16.68
N MET E 165 -27.29 -0.24 -16.65
CA MET E 165 -27.64 1.18 -16.67
C MET E 165 -28.21 1.50 -18.05
N ASP E 166 -29.32 2.24 -18.09
CA ASP E 166 -30.05 2.55 -19.30
C ASP E 166 -30.58 1.28 -20.00
N ASP E 167 -30.57 0.15 -19.28
CA ASP E 167 -31.00 -1.16 -19.80
C ASP E 167 -30.16 -1.63 -20.98
N LYS E 168 -28.96 -1.10 -21.12
CA LYS E 168 -28.09 -1.51 -22.22
C LYS E 168 -27.28 -2.70 -21.78
N ALA E 169 -27.61 -3.87 -22.34
CA ALA E 169 -26.96 -5.12 -21.96
C ALA E 169 -25.71 -5.38 -22.86
N GLU E 170 -24.70 -4.56 -22.69
CA GLU E 170 -23.50 -4.59 -23.51
C GLU E 170 -22.44 -3.71 -22.83
N VAL E 171 -21.18 -3.94 -23.19
CA VAL E 171 -20.11 -3.07 -22.77
C VAL E 171 -20.38 -1.72 -23.44
N LEU E 172 -20.34 -0.66 -22.65
CA LEU E 172 -20.66 0.67 -23.17
C LEU E 172 -19.40 1.32 -23.80
N LEU E 173 -19.59 2.14 -24.85
CA LEU E 173 -18.47 2.71 -25.60
C LEU E 173 -18.42 4.21 -25.49
N ASP E 174 -19.06 4.78 -24.48
CA ASP E 174 -19.13 6.23 -24.34
C ASP E 174 -17.80 6.81 -23.91
N PHE E 175 -16.94 5.99 -23.32
CA PHE E 175 -15.57 6.43 -23.00
C PHE E 175 -14.50 5.73 -23.84
N TYR E 176 -14.87 5.08 -24.96
CA TYR E 176 -13.93 4.17 -25.62
C TYR E 176 -12.87 4.95 -26.40
N GLN E 177 -11.61 4.71 -26.08
CA GLN E 177 -10.51 5.43 -26.77
C GLN E 177 -9.42 4.49 -27.30
N ASP E 178 -9.81 3.40 -27.92
CA ASP E 178 -8.80 2.47 -28.39
C ASP E 178 -9.03 2.20 -29.86
N SER E 179 -8.12 1.47 -30.50
CA SER E 179 -8.23 1.27 -31.92
C SER E 179 -8.59 -0.18 -32.22
N LEU E 180 -8.95 -0.93 -31.19
CA LEU E 180 -9.29 -2.34 -31.34
C LEU E 180 -10.65 -2.53 -31.97
N GLU E 181 -10.75 -3.55 -32.79
CA GLU E 181 -11.98 -3.85 -33.49
C GLU E 181 -12.80 -4.80 -32.61
N ILE E 182 -14.04 -4.38 -32.33
CA ILE E 182 -14.95 -5.15 -31.49
C ILE E 182 -15.77 -6.13 -32.34
N LEU E 183 -15.62 -7.41 -32.03
CA LEU E 183 -16.20 -8.46 -32.83
C LEU E 183 -17.46 -9.01 -32.16
N GLU E 184 -17.55 -8.84 -30.85
CA GLU E 184 -18.74 -9.29 -30.13
C GLU E 184 -18.81 -8.52 -28.83
N ASN E 185 -20.05 -8.16 -28.45
CA ASN E 185 -20.25 -7.31 -27.28
C ASN E 185 -21.65 -7.54 -26.75
N SER E 186 -21.75 -8.47 -25.81
CA SER E 186 -23.08 -8.80 -25.27
C SER E 186 -23.04 -9.14 -23.79
N ALA E 187 -24.21 -9.11 -23.15
CA ALA E 187 -24.22 -9.26 -21.69
C ALA E 187 -25.57 -9.75 -21.23
N GLN E 188 -25.59 -10.38 -20.07
CA GLN E 188 -26.81 -10.99 -19.57
C GLN E 188 -26.88 -10.76 -18.09
N ARG E 189 -28.08 -10.50 -17.56
CA ARG E 189 -28.27 -10.46 -16.11
C ARG E 189 -28.83 -11.80 -15.72
N GLN E 190 -28.28 -12.45 -14.71
CA GLN E 190 -28.79 -13.75 -14.25
C GLN E 190 -29.00 -13.75 -12.74
N GLU E 191 -30.00 -14.49 -12.24
CA GLU E 191 -30.13 -14.69 -10.80
C GLU E 191 -29.60 -16.09 -10.53
N VAL E 192 -28.49 -16.15 -9.79
CA VAL E 192 -27.70 -17.39 -9.70
C VAL E 192 -27.75 -17.97 -8.28
N VAL E 193 -28.00 -19.28 -8.17
CA VAL E 193 -27.92 -19.99 -6.89
C VAL E 193 -26.57 -20.72 -6.74
N TYR E 194 -25.86 -20.50 -5.63
CA TYR E 194 -24.54 -21.16 -5.48
C TYR E 194 -24.63 -22.40 -4.59
N PRO E 195 -23.72 -23.37 -4.82
CA PRO E 195 -23.69 -24.61 -4.02
C PRO E 195 -23.57 -24.29 -2.54
N CYS E 196 -22.63 -23.39 -2.22
CA CYS E 196 -22.30 -23.05 -0.84
C CYS E 196 -23.48 -22.46 -0.05
N CYS E 197 -24.44 -21.89 -0.75
CA CYS E 197 -25.37 -20.96 -0.11
C CYS E 197 -26.80 -21.08 -0.68
N GLU E 198 -27.80 -20.85 0.16
CA GLU E 198 -29.18 -21.16 -0.22
C GLU E 198 -30.09 -19.95 -0.53
N SER E 199 -29.59 -19.06 -1.40
CA SER E 199 -30.35 -17.91 -1.88
C SER E 199 -29.79 -17.54 -3.26
N ALA E 200 -30.52 -16.71 -4.00
CA ALA E 200 -30.06 -16.30 -5.35
C ALA E 200 -29.42 -14.91 -5.43
N TYR E 201 -28.30 -14.82 -6.15
CA TYR E 201 -27.53 -13.57 -6.24
C TYR E 201 -27.52 -13.09 -7.69
N VAL E 202 -27.59 -11.79 -7.89
CA VAL E 202 -27.65 -11.28 -9.25
C VAL E 202 -26.24 -11.23 -9.80
N GLU E 203 -26.07 -11.70 -11.04
N GLU E 203 -26.05 -11.71 -11.03
CA GLU E 203 -24.78 -11.58 -11.73
CA GLU E 203 -24.76 -11.60 -11.72
C GLU E 203 -24.93 -10.98 -13.11
C GLU E 203 -24.91 -10.99 -13.11
N MET E 204 -24.02 -10.06 -13.43
CA MET E 204 -23.99 -9.43 -14.74
C MET E 204 -22.80 -10.04 -15.48
N LYS E 205 -23.09 -10.70 -16.59
CA LYS E 205 -22.03 -11.40 -17.28
C LYS E 205 -21.87 -10.81 -18.65
N TYR E 206 -20.66 -10.34 -18.93
CA TYR E 206 -20.42 -9.67 -20.18
C TYR E 206 -19.49 -10.54 -20.96
N LEU E 207 -19.71 -10.58 -22.26
CA LEU E 207 -18.79 -11.20 -23.20
C LEU E 207 -18.29 -10.15 -24.19
N LEU E 208 -16.97 -10.04 -24.29
CA LEU E 208 -16.36 -9.10 -25.22
C LEU E 208 -15.34 -9.84 -26.10
N ALA E 209 -15.45 -9.73 -27.41
CA ALA E 209 -14.45 -10.34 -28.29
C ALA E 209 -13.77 -9.24 -29.12
N LEU E 210 -12.44 -9.28 -29.20
CA LEU E 210 -11.64 -8.27 -29.90
C LEU E 210 -10.77 -8.94 -30.93
N ARG E 211 -10.56 -8.27 -32.06
CA ARG E 211 -9.55 -8.68 -33.03
C ARG E 211 -8.19 -8.54 -32.38
N SER E 212 -7.40 -9.61 -32.46
CA SER E 212 -6.08 -9.60 -31.85
C SER E 212 -5.14 -8.69 -32.66
N GLU E 213 -4.21 -7.99 -31.99
CA GLU E 213 -3.26 -7.18 -32.76
C GLU E 213 -2.12 -8.02 -33.34
#